data_2FNI
#
_entry.id   2FNI
#
_cell.length_a   87.400
_cell.length_b   153.300
_cell.length_c   70.700
_cell.angle_alpha   90.00
_cell.angle_beta   90.00
_cell.angle_gamma   90.00
#
_symmetry.space_group_name_H-M   'P 21 21 2'
#
loop_
_entity.id
_entity.type
_entity.pdbx_description
1 polymer aminotransferase
2 non-polymer "PYRIDOXAL-5'-PHOSPHATE"
3 water water
#
_entity_poly.entity_id   1
_entity_poly.type   'polypeptide(L)'
_entity_poly.pdbx_seq_one_letter_code
;MKEFAYSEPCLDKEDKKAVLEVLNSKQLTQGKRSLLFEEALCEFLGVKHALVFNSATSALLTLYRNFSEFSADRNEIITT
PISFVATANMLLESGYTPVFAGIKNDGNIDELALEKLINERTKAIVSVDYAGKSVEVESVQKLCKKHSLSFLSDSSHALG
SEYQNKKVGGFALASVFSFHAIKPITTAEGGAVVTNDSELHEKMKLFRSHGMLKKDFFEGEVKSIGHNFRLNEIQSALGL
SQLKKAPFLMQKREEAALTYDRIFKDNPYFTPLHPLLKDKSSNHLYPILMHQKFFTCKKLILESLHKRGILAQVHYKPIY
QYQLYQQLFNTAPLKSAEDFYHAEISLPCHANLNLESVQNIAHSVLKTFESFKIE
;
_entity_poly.pdbx_strand_id   A,B
#
loop_
_chem_comp.id
_chem_comp.type
_chem_comp.name
_chem_comp.formula
PLP non-polymer PYRIDOXAL-5'-PHOSPHATE 'C8 H10 N O6 P'
#
# COMPACT_ATOMS: atom_id res chain seq x y z
N MET A 1 -32.28 -9.31 14.69
CA MET A 1 -30.96 -9.88 14.30
C MET A 1 -30.10 -10.37 15.49
N LYS A 2 -28.95 -9.72 15.68
CA LYS A 2 -27.84 -10.17 16.56
C LYS A 2 -26.88 -11.00 15.71
N GLU A 3 -26.07 -10.32 14.91
CA GLU A 3 -25.16 -10.98 13.96
C GLU A 3 -23.71 -10.95 14.39
N PHE A 4 -23.08 -12.11 14.45
CA PHE A 4 -21.67 -12.16 14.79
C PHE A 4 -20.85 -12.48 13.56
N ALA A 5 -19.98 -11.55 13.17
CA ALA A 5 -18.98 -11.83 12.13
C ALA A 5 -17.92 -12.73 12.74
N TYR A 6 -17.07 -13.32 11.91
CA TYR A 6 -16.14 -14.31 12.45
C TYR A 6 -15.03 -13.66 13.25
N SER A 7 -14.71 -12.42 12.88
CA SER A 7 -13.82 -11.59 13.67
C SER A 7 -14.22 -10.14 13.49
N GLU A 8 -13.79 -9.29 14.41
CA GLU A 8 -13.99 -7.85 14.26
C GLU A 8 -12.90 -7.08 14.99
N PRO A 9 -12.71 -5.80 14.64
CA PRO A 9 -11.67 -5.04 15.30
C PRO A 9 -12.07 -4.67 16.74
N CYS A 10 -11.09 -4.58 17.62
CA CYS A 10 -11.38 -4.20 19.00
C CYS A 10 -10.58 -2.99 19.42
N LEU A 11 -11.15 -1.81 19.21
CA LEU A 11 -10.52 -0.56 19.61
C LEU A 11 -11.14 -0.05 20.91
N ASP A 12 -10.37 0.74 21.68
CA ASP A 12 -10.89 1.33 22.92
C ASP A 12 -10.49 2.81 23.06
N LYS A 13 -10.87 3.43 24.18
CA LYS A 13 -10.61 4.86 24.40
C LYS A 13 -9.17 5.18 24.01
N GLU A 14 -8.23 4.38 24.50
CA GLU A 14 -6.79 4.54 24.23
C GLU A 14 -6.48 4.66 22.75
N ASP A 15 -6.89 3.65 21.99
CA ASP A 15 -6.68 3.61 20.55
C ASP A 15 -7.11 4.92 19.91
N LYS A 16 -8.31 5.37 20.25
CA LYS A 16 -8.87 6.59 19.68
C LYS A 16 -8.06 7.81 20.11
N LYS A 17 -7.82 7.93 21.41
CA LYS A 17 -6.97 8.97 21.92
C LYS A 17 -5.67 9.02 21.11
N ALA A 18 -5.06 7.86 20.91
CA ALA A 18 -3.77 7.77 20.22
C ALA A 18 -3.83 8.31 18.80
N VAL A 19 -4.92 8.00 18.11
CA VAL A 19 -5.11 8.49 16.75
C VAL A 19 -5.32 10.01 16.71
N LEU A 20 -6.05 10.55 17.69
CA LEU A 20 -6.30 12.00 17.76
C LEU A 20 -5.02 12.83 17.75
N GLU A 21 -4.13 12.55 18.69
CA GLU A 21 -2.95 13.37 18.82
C GLU A 21 -2.16 13.40 17.53
N VAL A 22 -2.24 12.32 16.75
CA VAL A 22 -1.54 12.30 15.48
C VAL A 22 -2.16 13.27 14.50
N LEU A 23 -3.49 13.35 14.50
CA LEU A 23 -4.20 14.28 13.65
C LEU A 23 -3.87 15.73 13.99
N ASN A 24 -3.37 15.96 15.20
CA ASN A 24 -2.99 17.32 15.62
C ASN A 24 -1.57 17.68 15.19
N SER A 25 -0.86 16.69 14.66
CA SER A 25 0.54 16.84 14.30
C SER A 25 0.72 17.27 12.85
N LYS A 26 1.87 17.88 12.55
CA LYS A 26 2.22 18.27 11.17
C LYS A 26 2.82 17.08 10.43
N GLN A 27 3.03 15.99 11.17
CA GLN A 27 3.77 14.85 10.67
C GLN A 27 2.82 13.67 10.55
N LEU A 28 2.19 13.54 9.38
CA LEU A 28 1.16 12.52 9.18
C LEU A 28 1.71 11.22 8.64
N THR A 29 2.92 11.26 8.08
CA THR A 29 3.55 10.05 7.51
C THR A 29 5.06 10.19 7.57
N GLN A 30 5.77 9.07 7.40
CA GLN A 30 7.24 9.07 7.46
C GLN A 30 7.67 9.87 8.68
N GLY A 31 7.30 9.39 9.86
CA GLY A 31 7.52 10.14 11.08
C GLY A 31 7.98 9.25 12.20
N LYS A 32 7.99 9.79 13.41
CA LYS A 32 8.57 9.10 14.55
C LYS A 32 7.77 7.86 14.97
N ARG A 33 6.48 7.85 14.69
CA ARG A 33 5.62 6.80 15.26
C ARG A 33 5.77 5.43 14.65
N SER A 34 6.02 5.36 13.35
CA SER A 34 6.24 4.06 12.71
C SER A 34 7.53 3.45 13.22
N LEU A 35 8.53 4.29 13.44
CA LEU A 35 9.79 3.83 14.01
C LEU A 35 9.54 3.24 15.40
N LEU A 36 8.70 3.93 16.16
CA LEU A 36 8.35 3.49 17.50
C LEU A 36 7.61 2.19 17.42
N PHE A 37 6.67 2.11 16.50
CA PHE A 37 5.90 0.88 16.31
C PHE A 37 6.84 -0.27 15.93
N GLU A 38 7.83 0.03 15.09
CA GLU A 38 8.79 -0.96 14.68
C GLU A 38 9.63 -1.47 15.85
N GLU A 39 10.10 -0.55 16.68
CA GLU A 39 10.87 -0.93 17.87
C GLU A 39 10.04 -1.74 18.84
N ALA A 40 8.80 -1.32 19.06
CA ALA A 40 7.90 -2.03 19.96
C ALA A 40 7.63 -3.47 19.49
N LEU A 41 7.56 -3.66 18.17
CA LEU A 41 7.45 -4.98 17.60
C LEU A 41 8.67 -5.81 17.92
N CYS A 42 9.84 -5.20 17.73
CA CYS A 42 11.11 -5.88 18.05
C CYS A 42 11.18 -6.40 19.50
N GLU A 43 10.70 -5.61 20.45
CA GLU A 43 10.79 -5.97 21.85
C GLU A 43 9.73 -6.99 22.18
N PHE A 44 8.57 -6.85 21.55
CA PHE A 44 7.52 -7.83 21.74
C PHE A 44 8.00 -9.20 21.23
N LEU A 45 8.61 -9.21 20.05
CA LEU A 45 9.03 -10.46 19.41
C LEU A 45 10.45 -10.92 19.79
N GLY A 46 11.24 -10.04 20.39
CA GLY A 46 12.62 -10.38 20.68
C GLY A 46 13.49 -10.53 19.45
N VAL A 47 13.07 -9.92 18.34
CA VAL A 47 13.85 -9.97 17.10
C VAL A 47 14.61 -8.66 16.92
N LYS A 48 15.47 -8.65 15.91
CA LYS A 48 16.44 -7.58 15.76
C LYS A 48 15.99 -6.45 14.83
N HIS A 49 15.00 -6.71 13.99
CA HIS A 49 14.53 -5.72 13.02
C HIS A 49 13.05 -5.86 12.72
N ALA A 50 12.37 -4.75 12.45
CA ALA A 50 10.96 -4.78 12.10
C ALA A 50 10.61 -3.69 11.09
N LEU A 51 9.84 -4.03 10.06
CA LEU A 51 9.38 -3.04 9.06
C LEU A 51 7.87 -3.09 8.90
N VAL A 52 7.22 -1.93 8.94
CA VAL A 52 5.78 -1.88 8.80
C VAL A 52 5.34 -1.44 7.41
N PHE A 53 4.28 -2.07 6.90
CA PHE A 53 3.80 -1.80 5.56
C PHE A 53 2.31 -1.45 5.53
N ASN A 54 1.83 -0.97 4.38
CA ASN A 54 0.44 -0.63 4.23
C ASN A 54 -0.46 -1.84 4.37
N SER A 55 0.09 -3.01 4.04
CA SER A 55 -0.62 -4.28 4.09
C SER A 55 0.36 -5.43 4.23
N ALA A 56 -0.12 -6.61 4.62
CA ALA A 56 0.77 -7.76 4.73
C ALA A 56 1.09 -8.35 3.34
N THR A 57 0.25 -8.04 2.37
CA THR A 57 0.46 -8.48 1.01
C THR A 57 1.61 -7.69 0.38
N SER A 58 1.75 -6.45 0.80
CA SER A 58 2.90 -5.67 0.38
C SER A 58 4.16 -6.18 1.09
N ALA A 59 4.00 -6.54 2.36
CA ALA A 59 5.09 -7.11 3.13
C ALA A 59 5.57 -8.36 2.44
N LEU A 60 4.63 -9.21 2.04
CA LEU A 60 4.96 -10.48 1.40
C LEU A 60 5.72 -10.25 0.11
N LEU A 61 5.18 -9.38 -0.73
CA LEU A 61 5.84 -9.05 -2.00
C LEU A 61 7.27 -8.62 -1.74
N THR A 62 7.42 -7.70 -0.80
CA THR A 62 8.75 -7.19 -0.47
C THR A 62 9.68 -8.32 -0.04
N LEU A 63 9.20 -9.25 0.78
CA LEU A 63 10.05 -10.33 1.27
C LEU A 63 10.48 -11.25 0.15
N TYR A 64 9.49 -11.69 -0.61
CA TYR A 64 9.72 -12.56 -1.76
C TYR A 64 10.70 -11.93 -2.75
N ARG A 65 10.52 -10.64 -3.02
CA ARG A 65 11.37 -9.95 -3.98
C ARG A 65 12.80 -9.73 -3.53
N ASN A 66 13.05 -9.76 -2.22
CA ASN A 66 14.32 -9.26 -1.69
C ASN A 66 15.19 -10.23 -0.86
N PHE A 67 14.62 -11.37 -0.49
CA PHE A 67 15.34 -12.32 0.36
C PHE A 67 16.54 -12.90 -0.39
N SER A 68 16.48 -12.79 -1.71
CA SER A 68 17.55 -13.21 -2.59
C SER A 68 17.24 -12.57 -3.92
N GLU A 69 18.20 -12.57 -4.84
CA GLU A 69 17.88 -12.12 -6.19
C GLU A 69 17.21 -13.26 -6.90
N PHE A 70 16.47 -12.95 -7.96
CA PHE A 70 15.80 -14.01 -8.70
C PHE A 70 16.71 -14.68 -9.75
N SER A 71 16.67 -16.00 -9.78
CA SER A 71 17.43 -16.77 -10.75
C SER A 71 16.45 -17.75 -11.39
N ALA A 72 16.38 -17.76 -12.72
CA ALA A 72 15.42 -18.62 -13.42
C ALA A 72 15.62 -20.12 -13.12
N ASP A 73 16.78 -20.47 -12.56
CA ASP A 73 17.11 -21.87 -12.30
C ASP A 73 16.72 -22.30 -10.91
N ARG A 74 16.57 -21.32 -10.02
CA ARG A 74 16.08 -21.59 -8.68
C ARG A 74 14.75 -20.86 -8.47
N ASN A 75 13.72 -21.33 -9.16
CA ASN A 75 12.45 -20.62 -9.29
C ASN A 75 11.27 -21.28 -8.60
N GLU A 76 11.53 -22.39 -7.91
CA GLU A 76 10.45 -23.07 -7.20
C GLU A 76 10.45 -22.76 -5.70
N ILE A 77 9.27 -22.47 -5.17
CA ILE A 77 9.11 -22.32 -3.74
C ILE A 77 7.95 -23.21 -3.27
N ILE A 78 8.22 -24.02 -2.26
CA ILE A 78 7.21 -24.86 -1.64
C ILE A 78 6.42 -24.04 -0.62
N THR A 79 5.09 -24.20 -0.66
CA THR A 79 4.21 -23.57 0.32
C THR A 79 2.95 -24.40 0.47
N THR A 80 2.05 -23.95 1.33
CA THR A 80 0.80 -24.69 1.58
C THR A 80 -0.33 -24.17 0.71
N PRO A 81 -1.23 -25.07 0.30
CA PRO A 81 -2.43 -24.68 -0.43
C PRO A 81 -3.50 -24.12 0.50
N ILE A 82 -3.35 -24.39 1.80
CA ILE A 82 -4.27 -23.85 2.78
C ILE A 82 -3.74 -22.54 3.39
N SER A 83 -4.12 -21.44 2.76
CA SER A 83 -3.77 -20.10 3.20
C SER A 83 -4.52 -19.12 2.32
N PHE A 84 -4.46 -17.84 2.69
CA PHE A 84 -5.08 -16.81 1.89
C PHE A 84 -4.32 -16.65 0.58
N VAL A 85 -5.05 -16.47 -0.50
CA VAL A 85 -4.48 -16.49 -1.84
C VAL A 85 -3.29 -15.54 -1.97
N ALA A 86 -3.23 -14.53 -1.10
CA ALA A 86 -2.15 -13.56 -1.13
C ALA A 86 -0.78 -14.22 -0.96
N THR A 87 -0.70 -15.25 -0.11
CA THR A 87 0.58 -15.92 0.13
C THR A 87 1.22 -16.37 -1.19
N ALA A 88 0.37 -16.79 -2.12
CA ALA A 88 0.85 -17.35 -3.37
C ALA A 88 0.87 -16.31 -4.48
N ASN A 89 -0.14 -15.44 -4.53
CA ASN A 89 -0.15 -14.39 -5.55
C ASN A 89 1.15 -13.60 -5.58
N MET A 90 1.71 -13.32 -4.41
CA MET A 90 2.97 -12.59 -4.34
C MET A 90 4.15 -13.42 -4.80
N LEU A 91 4.06 -14.75 -4.66
CA LEU A 91 5.08 -15.64 -5.21
C LEU A 91 5.08 -15.50 -6.73
N LEU A 92 3.89 -15.54 -7.33
CA LEU A 92 3.76 -15.35 -8.78
C LEU A 92 4.34 -14.00 -9.20
N GLU A 93 3.91 -12.93 -8.53
CA GLU A 93 4.43 -11.60 -8.82
C GLU A 93 5.93 -11.47 -8.68
N SER A 94 6.58 -12.39 -7.98
CA SER A 94 8.05 -12.34 -7.81
C SER A 94 8.73 -13.37 -8.69
N GLY A 95 8.01 -13.91 -9.66
CA GLY A 95 8.59 -14.84 -10.60
C GLY A 95 8.66 -16.29 -10.14
N TYR A 96 8.35 -16.54 -8.87
CA TYR A 96 8.45 -17.91 -8.36
C TYR A 96 7.23 -18.74 -8.73
N THR A 97 7.45 -20.05 -8.86
CA THR A 97 6.39 -21.01 -9.11
C THR A 97 6.07 -21.70 -7.80
N PRO A 98 4.82 -21.55 -7.30
CA PRO A 98 4.44 -22.23 -6.07
C PRO A 98 4.34 -23.76 -6.24
N VAL A 99 4.97 -24.49 -5.32
CA VAL A 99 4.87 -25.95 -5.26
C VAL A 99 4.08 -26.33 -4.00
N PHE A 100 2.89 -26.88 -4.18
CA PHE A 100 1.97 -27.09 -3.06
C PHE A 100 2.18 -28.40 -2.31
N ALA A 101 2.48 -28.28 -1.02
CA ALA A 101 2.71 -29.43 -0.17
C ALA A 101 1.42 -29.88 0.51
N GLY A 102 1.40 -31.11 1.00
CA GLY A 102 0.26 -31.61 1.73
C GLY A 102 0.22 -30.98 3.11
N ILE A 103 -0.95 -30.98 3.74
CA ILE A 103 -1.10 -30.39 5.04
C ILE A 103 -1.51 -31.46 6.05
N LYS A 104 -1.62 -31.06 7.31
CA LYS A 104 -1.98 -31.97 8.39
C LYS A 104 -3.37 -31.65 8.95
N ASN A 105 -3.78 -32.43 9.94
CA ASN A 105 -5.07 -32.26 10.61
C ASN A 105 -5.32 -30.83 11.01
N ASP A 106 -4.31 -30.21 11.60
CA ASP A 106 -4.47 -28.90 12.17
C ASP A 106 -4.43 -27.77 11.13
N GLY A 107 -4.37 -28.13 9.85
CA GLY A 107 -4.34 -27.15 8.78
C GLY A 107 -2.94 -26.68 8.45
N ASN A 108 -1.98 -27.01 9.31
CA ASN A 108 -0.61 -26.61 9.06
C ASN A 108 0.09 -27.46 7.98
N ILE A 109 1.06 -26.84 7.30
CA ILE A 109 1.83 -27.54 6.30
C ILE A 109 2.47 -28.79 6.93
N ASP A 110 2.47 -29.89 6.20
CA ASP A 110 2.99 -31.15 6.71
C ASP A 110 4.52 -31.21 6.56
N GLU A 111 5.23 -30.98 7.67
CA GLU A 111 6.68 -30.94 7.63
C GLU A 111 7.28 -32.28 7.21
N LEU A 112 6.53 -33.36 7.40
CA LEU A 112 7.01 -34.68 7.02
C LEU A 112 6.85 -34.95 5.52
N ALA A 113 6.06 -34.13 4.84
CA ALA A 113 5.77 -34.36 3.43
C ALA A 113 6.47 -33.33 2.55
N LEU A 114 7.49 -32.68 3.10
CA LEU A 114 8.18 -31.60 2.42
C LEU A 114 9.36 -32.05 1.57
N GLU A 115 10.21 -32.90 2.13
CA GLU A 115 11.50 -33.24 1.50
C GLU A 115 11.41 -33.81 0.08
N LYS A 116 10.43 -34.66 -0.17
CA LYS A 116 10.26 -35.31 -1.47
C LYS A 116 9.89 -34.31 -2.57
N LEU A 117 9.58 -33.07 -2.19
CA LEU A 117 9.17 -32.07 -3.17
C LEU A 117 10.32 -31.19 -3.61
N ILE A 118 11.49 -31.39 -3.01
CA ILE A 118 12.66 -30.56 -3.28
C ILE A 118 13.48 -31.11 -4.44
N ASN A 119 13.83 -30.22 -5.37
CA ASN A 119 14.73 -30.55 -6.47
C ASN A 119 15.68 -29.37 -6.63
N GLU A 120 16.57 -29.41 -7.62
CA GLU A 120 17.59 -28.35 -7.72
C GLU A 120 17.03 -26.98 -8.15
N ARG A 121 15.72 -26.90 -8.38
CA ARG A 121 15.07 -25.61 -8.64
C ARG A 121 14.53 -24.98 -7.37
N THR A 122 14.38 -25.79 -6.33
CA THR A 122 13.77 -25.34 -5.09
C THR A 122 14.62 -24.25 -4.42
N LYS A 123 13.99 -23.14 -4.06
CA LYS A 123 14.70 -21.99 -3.50
C LYS A 123 14.36 -21.74 -2.04
N ALA A 124 13.08 -21.93 -1.71
CA ALA A 124 12.56 -21.56 -0.41
C ALA A 124 11.37 -22.40 -0.02
N ILE A 125 10.99 -22.31 1.25
CA ILE A 125 9.76 -22.91 1.74
C ILE A 125 8.98 -21.82 2.47
N VAL A 126 7.72 -21.63 2.10
CA VAL A 126 6.90 -20.63 2.76
C VAL A 126 5.77 -21.27 3.58
N SER A 127 5.96 -21.33 4.89
CA SER A 127 4.95 -21.90 5.79
C SER A 127 3.95 -20.86 6.25
N VAL A 128 2.76 -21.31 6.66
CA VAL A 128 1.77 -20.42 7.22
C VAL A 128 1.35 -20.95 8.57
N ASP A 129 1.34 -20.09 9.57
CA ASP A 129 0.88 -20.49 10.88
C ASP A 129 -0.62 -20.40 10.88
N TYR A 130 -1.27 -21.51 10.55
CA TYR A 130 -2.72 -21.53 10.37
C TYR A 130 -3.48 -21.32 11.68
N ALA A 131 -4.41 -20.37 11.64
CA ALA A 131 -5.20 -20.01 12.82
C ALA A 131 -4.34 -19.45 13.96
N GLY A 132 -3.05 -19.26 13.72
CA GLY A 132 -2.15 -18.79 14.76
C GLY A 132 -1.34 -19.89 15.41
N LYS A 133 -1.62 -21.13 15.02
CA LYS A 133 -0.85 -22.26 15.52
C LYS A 133 0.48 -22.34 14.80
N SER A 134 1.57 -22.30 15.55
CA SER A 134 2.89 -22.34 14.92
C SER A 134 3.16 -23.68 14.26
N VAL A 135 3.70 -23.64 13.05
CA VAL A 135 4.10 -24.86 12.35
C VAL A 135 5.26 -25.54 13.09
N GLU A 136 5.65 -26.71 12.60
CA GLU A 136 6.78 -27.43 13.18
C GLU A 136 8.12 -26.77 12.83
N VAL A 137 8.43 -25.70 13.55
CA VAL A 137 9.57 -24.85 13.26
C VAL A 137 10.89 -25.59 13.23
N GLU A 138 11.20 -26.29 14.32
CA GLU A 138 12.45 -27.00 14.42
C GLU A 138 12.67 -27.88 13.19
N SER A 139 11.64 -28.65 12.84
CA SER A 139 11.69 -29.56 11.69
C SER A 139 11.99 -28.84 10.37
N VAL A 140 11.33 -27.72 10.13
CA VAL A 140 11.55 -26.98 8.89
C VAL A 140 12.90 -26.25 8.86
N GLN A 141 13.31 -25.68 9.99
CA GLN A 141 14.60 -25.02 10.06
C GLN A 141 15.68 -25.92 9.53
N LYS A 142 15.63 -27.18 9.98
CA LYS A 142 16.63 -28.20 9.64
C LYS A 142 16.56 -28.63 8.18
N LEU A 143 15.36 -28.94 7.71
CA LEU A 143 15.17 -29.27 6.30
C LEU A 143 15.82 -28.22 5.37
N CYS A 144 15.63 -26.95 5.70
CA CYS A 144 16.18 -25.87 4.92
C CYS A 144 17.69 -25.75 5.05
N LYS A 145 18.20 -25.78 6.28
CA LYS A 145 19.64 -25.79 6.48
C LYS A 145 20.24 -26.90 5.65
N LYS A 146 19.69 -28.10 5.80
CA LYS A 146 20.17 -29.29 5.09
C LYS A 146 20.23 -29.08 3.57
N HIS A 147 19.16 -28.56 2.99
CA HIS A 147 19.12 -28.37 1.54
C HIS A 147 19.45 -26.96 1.08
N SER A 148 20.19 -26.18 1.88
CA SER A 148 20.47 -24.78 1.54
C SER A 148 19.27 -24.02 1.01
N LEU A 149 18.14 -24.09 1.72
CA LEU A 149 16.92 -23.40 1.31
C LEU A 149 16.62 -22.24 2.25
N SER A 150 15.97 -21.21 1.75
CA SER A 150 15.53 -20.12 2.61
C SER A 150 14.19 -20.39 3.28
N PHE A 151 14.14 -20.25 4.59
CA PHE A 151 12.89 -20.46 5.34
C PHE A 151 12.10 -19.15 5.56
N LEU A 152 10.97 -19.02 4.86
CA LEU A 152 10.13 -17.84 4.98
C LEU A 152 8.82 -18.21 5.66
N SER A 153 8.29 -17.31 6.48
CA SER A 153 7.12 -17.62 7.29
C SER A 153 6.04 -16.56 7.16
N ASP A 154 4.91 -16.94 6.58
CA ASP A 154 3.75 -16.06 6.59
C ASP A 154 3.05 -16.26 7.92
N SER A 155 3.36 -15.38 8.87
CA SER A 155 2.76 -15.48 10.20
C SER A 155 1.66 -14.46 10.44
N SER A 156 0.93 -14.10 9.37
CA SER A 156 -0.17 -13.14 9.45
C SER A 156 -1.17 -13.47 10.56
N HIS A 157 -1.46 -14.74 10.77
CA HIS A 157 -2.43 -15.15 11.75
C HIS A 157 -1.86 -15.06 13.18
N ALA A 158 -0.54 -15.07 13.31
CA ALA A 158 0.08 -15.56 14.55
C ALA A 158 0.80 -14.60 15.49
N LEU A 159 0.64 -13.29 15.31
CA LEU A 159 1.28 -12.33 16.21
C LEU A 159 0.88 -12.63 17.66
N GLY A 160 1.86 -13.04 18.48
CA GLY A 160 1.58 -13.39 19.87
C GLY A 160 1.70 -14.87 20.13
N SER A 161 1.47 -15.67 19.11
CA SER A 161 1.61 -17.12 19.20
C SER A 161 3.04 -17.51 19.52
N GLU A 162 3.20 -18.62 20.26
CA GLU A 162 4.52 -19.13 20.64
C GLU A 162 4.79 -20.53 20.14
N TYR A 163 6.06 -20.86 20.05
CA TYR A 163 6.53 -22.21 19.79
C TYR A 163 7.61 -22.51 20.81
N GLN A 164 7.42 -23.61 21.55
CA GLN A 164 8.30 -24.01 22.64
C GLN A 164 8.64 -22.81 23.52
N ASN A 165 7.61 -22.11 23.97
CA ASN A 165 7.74 -20.93 24.84
C ASN A 165 8.60 -19.79 24.26
N LYS A 166 8.65 -19.70 22.94
CA LYS A 166 9.32 -18.57 22.29
C LYS A 166 8.39 -17.97 21.23
N LYS A 167 8.26 -16.66 21.19
CA LYS A 167 7.31 -16.05 20.28
C LYS A 167 7.61 -16.28 18.80
N VAL A 168 6.56 -16.54 18.03
CA VAL A 168 6.67 -16.66 16.58
C VAL A 168 7.12 -15.31 16.04
N GLY A 169 7.99 -15.34 15.04
CA GLY A 169 8.59 -14.12 14.49
C GLY A 169 10.10 -14.26 14.35
N GLY A 170 10.71 -14.98 15.29
CA GLY A 170 12.15 -15.14 15.30
C GLY A 170 12.68 -16.34 14.53
N PHE A 171 11.82 -17.31 14.25
CA PHE A 171 12.27 -18.61 13.72
C PHE A 171 12.73 -18.68 12.26
N ALA A 172 12.13 -17.87 11.40
CA ALA A 172 12.45 -17.94 9.98
C ALA A 172 13.51 -16.91 9.59
N LEU A 173 13.94 -16.96 8.33
CA LEU A 173 14.83 -15.93 7.83
C LEU A 173 14.12 -14.59 8.00
N ALA A 174 12.82 -14.59 7.70
CA ALA A 174 11.95 -13.43 7.91
C ALA A 174 10.52 -13.92 8.17
N SER A 175 9.71 -13.10 8.80
CA SER A 175 8.32 -13.46 9.04
C SER A 175 7.41 -12.30 8.73
N VAL A 176 6.24 -12.60 8.19
CA VAL A 176 5.28 -11.57 7.87
C VAL A 176 4.14 -11.60 8.86
N PHE A 177 3.71 -10.41 9.30
CA PHE A 177 2.52 -10.27 10.14
C PHE A 177 1.54 -9.33 9.46
N SER A 178 0.26 -9.43 9.86
CA SER A 178 -0.77 -8.58 9.30
C SER A 178 -1.59 -7.84 10.37
N PHE A 179 -1.90 -6.59 10.11
CA PHE A 179 -2.71 -5.80 11.03
C PHE A 179 -3.99 -5.37 10.35
N HIS A 180 -4.46 -6.19 9.41
CA HIS A 180 -5.76 -5.98 8.82
C HIS A 180 -6.83 -5.90 9.92
N ALA A 181 -7.95 -5.25 9.62
CA ALA A 181 -9.01 -4.98 10.59
C ALA A 181 -9.31 -6.13 11.53
N ILE A 182 -9.36 -7.33 10.98
CA ILE A 182 -9.84 -8.48 11.75
C ILE A 182 -8.77 -9.43 12.25
N LYS A 183 -7.49 -9.05 12.15
CA LYS A 183 -6.42 -9.91 12.67
C LYS A 183 -6.21 -9.65 14.16
N PRO A 184 -5.29 -10.40 14.79
CA PRO A 184 -4.98 -10.28 16.23
C PRO A 184 -4.97 -8.85 16.77
N ILE A 185 -4.23 -7.93 16.13
CA ILE A 185 -4.35 -6.50 16.41
C ILE A 185 -4.39 -5.79 15.06
N THR A 186 -4.87 -4.55 15.03
CA THR A 186 -5.13 -3.92 13.75
C THR A 186 -4.57 -2.49 13.60
N THR A 187 -4.24 -2.14 12.36
CA THR A 187 -3.97 -0.77 11.98
C THR A 187 -4.88 -0.39 10.81
N ALA A 188 -6.09 -0.97 10.81
CA ALA A 188 -7.07 -0.87 9.70
C ALA A 188 -6.64 -1.67 8.46
N GLU A 189 -5.56 -1.23 7.83
CA GLU A 189 -4.79 -2.03 6.90
C GLU A 189 -3.36 -1.90 7.42
N GLY A 190 -2.59 -2.98 7.35
CA GLY A 190 -1.22 -2.94 7.86
C GLY A 190 -0.54 -4.29 7.79
N GLY A 191 0.78 -4.28 7.80
CA GLY A 191 1.56 -5.51 7.79
C GLY A 191 2.97 -5.20 8.26
N ALA A 192 3.80 -6.23 8.42
CA ALA A 192 5.16 -6.02 8.87
C ALA A 192 6.04 -7.17 8.44
N VAL A 193 7.31 -6.88 8.17
CA VAL A 193 8.28 -7.95 8.02
C VAL A 193 9.32 -7.83 9.12
N VAL A 194 9.46 -8.88 9.92
CA VAL A 194 10.52 -8.92 10.92
C VAL A 194 11.61 -9.91 10.49
N THR A 195 12.82 -9.72 10.99
CA THR A 195 13.95 -10.53 10.58
C THR A 195 15.13 -10.27 11.50
N ASN A 196 16.08 -11.19 11.53
CA ASN A 196 17.31 -10.94 12.26
C ASN A 196 18.47 -10.62 11.34
N ASP A 197 18.17 -10.48 10.05
CA ASP A 197 19.17 -10.18 9.04
C ASP A 197 19.20 -8.69 8.65
N SER A 198 20.25 -7.99 9.08
CA SER A 198 20.36 -6.55 8.82
C SER A 198 20.33 -6.18 7.36
N GLU A 199 21.01 -6.97 6.54
CA GLU A 199 21.10 -6.68 5.11
C GLU A 199 19.75 -6.77 4.45
N LEU A 200 19.00 -7.81 4.82
CA LEU A 200 17.63 -8.00 4.35
C LEU A 200 16.73 -6.86 4.80
N HIS A 201 16.85 -6.50 6.08
CA HIS A 201 16.08 -5.38 6.63
C HIS A 201 16.32 -4.14 5.79
N GLU A 202 17.58 -3.87 5.47
CA GLU A 202 17.94 -2.68 4.72
C GLU A 202 17.40 -2.68 3.30
N LYS A 203 17.55 -3.80 2.60
CA LYS A 203 17.04 -3.91 1.24
C LYS A 203 15.55 -3.69 1.23
N MET A 204 14.86 -4.28 2.21
CA MET A 204 13.41 -4.17 2.27
C MET A 204 13.00 -2.74 2.58
N LYS A 205 13.68 -2.13 3.54
CA LYS A 205 13.40 -0.76 3.92
C LYS A 205 13.34 0.13 2.69
N LEU A 206 14.33 -0.02 1.81
CA LEU A 206 14.42 0.81 0.62
C LEU A 206 13.31 0.47 -0.35
N PHE A 207 13.11 -0.83 -0.59
CA PHE A 207 12.07 -1.30 -1.51
C PHE A 207 10.71 -0.74 -1.10
N ARG A 208 10.52 -0.56 0.21
CA ARG A 208 9.27 -0.03 0.74
C ARG A 208 9.02 1.43 0.39
N SER A 209 10.08 2.14 0.00
CA SER A 209 9.98 3.59 -0.19
C SER A 209 10.87 4.14 -1.32
N HIS A 210 10.58 3.70 -2.54
CA HIS A 210 11.14 4.29 -3.76
C HIS A 210 12.61 3.96 -4.01
N GLY A 211 13.22 3.23 -3.10
CA GLY A 211 14.65 2.99 -3.21
C GLY A 211 15.47 4.24 -2.94
N MET A 212 14.82 5.27 -2.39
CA MET A 212 15.48 6.55 -2.12
C MET A 212 16.48 6.50 -0.97
N LEU A 213 17.72 6.88 -1.25
CA LEU A 213 18.76 7.04 -0.24
C LEU A 213 19.04 8.54 -0.10
N LYS A 214 19.26 9.02 1.12
CA LYS A 214 19.47 10.47 1.31
C LYS A 214 20.93 10.90 1.12
N LYS A 215 21.15 12.17 0.79
CA LYS A 215 22.49 12.75 0.76
C LYS A 215 22.56 13.95 1.70
N ASP A 216 21.65 14.90 1.49
CA ASP A 216 21.52 16.11 2.30
C ASP A 216 20.04 16.39 2.24
N PHE A 217 19.58 17.52 2.79
CA PHE A 217 18.14 17.73 2.77
C PHE A 217 17.60 17.95 1.36
N PHE A 218 18.50 18.07 0.38
CA PHE A 218 18.11 18.49 -0.97
C PHE A 218 18.23 17.44 -2.07
N GLU A 219 18.95 16.35 -1.83
CA GLU A 219 19.18 15.38 -2.89
C GLU A 219 19.14 13.94 -2.41
N GLY A 220 18.75 13.04 -3.31
CA GLY A 220 18.74 11.63 -3.00
C GLY A 220 19.48 10.78 -4.03
N GLU A 221 19.47 9.48 -3.83
CA GLU A 221 20.10 8.57 -4.78
C GLU A 221 19.26 7.31 -4.92
N VAL A 222 19.11 6.85 -6.14
CA VAL A 222 18.32 5.65 -6.37
C VAL A 222 19.12 4.60 -7.13
N LYS A 223 19.48 3.51 -6.44
CA LYS A 223 20.29 2.45 -7.03
C LYS A 223 19.46 1.24 -7.44
N SER A 224 18.17 1.28 -7.13
CA SER A 224 17.26 0.16 -7.41
C SER A 224 15.83 0.57 -7.07
N ILE A 225 14.85 -0.06 -7.70
CA ILE A 225 13.47 0.44 -7.62
C ILE A 225 12.84 0.20 -6.27
N GLY A 226 11.81 0.98 -5.99
CA GLY A 226 11.04 0.82 -4.79
C GLY A 226 9.65 1.39 -4.99
N HIS A 227 8.75 1.11 -4.04
CA HIS A 227 7.38 1.53 -4.17
C HIS A 227 7.03 2.52 -3.07
N ASN A 228 5.74 2.73 -2.86
CA ASN A 228 5.29 3.35 -1.63
C ASN A 228 4.35 2.38 -0.91
N PHE A 229 4.90 1.63 0.04
CA PHE A 229 4.14 0.67 0.84
C PHE A 229 4.18 1.10 2.31
N ARG A 230 4.51 2.37 2.53
CA ARG A 230 4.71 2.88 3.89
C ARG A 230 3.40 2.85 4.70
N LEU A 231 3.53 2.61 6.01
CA LEU A 231 2.42 2.74 6.92
C LEU A 231 2.49 4.16 7.47
N ASN A 232 1.39 4.89 7.43
CA ASN A 232 1.40 6.30 7.85
C ASN A 232 1.39 6.48 9.37
N GLU A 233 1.49 7.72 9.84
CA GLU A 233 1.60 7.96 11.29
C GLU A 233 0.29 7.66 12.04
N ILE A 234 -0.84 7.90 11.40
CA ILE A 234 -2.12 7.61 12.03
C ILE A 234 -2.24 6.13 12.37
N GLN A 235 -1.93 5.27 11.40
CA GLN A 235 -2.03 3.83 11.58
C GLN A 235 -0.95 3.29 12.50
N SER A 236 0.22 3.90 12.48
CA SER A 236 1.30 3.48 13.37
C SER A 236 0.95 3.75 14.82
N ALA A 237 0.33 4.89 15.09
CA ALA A 237 -0.10 5.18 16.45
C ALA A 237 -1.13 4.16 16.90
N LEU A 238 -2.04 3.82 16.00
CA LEU A 238 -3.05 2.82 16.30
C LEU A 238 -2.37 1.51 16.61
N GLY A 239 -1.39 1.14 15.80
CA GLY A 239 -0.68 -0.12 15.94
C GLY A 239 0.05 -0.21 17.26
N LEU A 240 0.76 0.86 17.59
CA LEU A 240 1.45 0.95 18.86
C LEU A 240 0.49 0.69 20.00
N SER A 241 -0.63 1.40 19.96
CA SER A 241 -1.65 1.35 21.00
C SER A 241 -2.27 -0.04 21.09
N GLN A 242 -2.53 -0.63 19.93
CA GLN A 242 -3.08 -1.97 19.90
C GLN A 242 -2.06 -2.96 20.45
N LEU A 243 -0.80 -2.85 20.04
CA LEU A 243 0.22 -3.80 20.45
C LEU A 243 0.39 -3.84 21.97
N LYS A 244 0.25 -2.68 22.62
CA LYS A 244 0.40 -2.61 24.08
C LYS A 244 -0.53 -3.58 24.78
N LYS A 245 -1.74 -3.74 24.25
CA LYS A 245 -2.68 -4.66 24.88
C LYS A 245 -2.84 -5.97 24.11
N ALA A 246 -1.82 -6.32 23.33
CA ALA A 246 -1.89 -7.52 22.49
C ALA A 246 -2.09 -8.81 23.31
N PRO A 247 -1.34 -8.95 24.41
CA PRO A 247 -1.51 -10.17 25.20
C PRO A 247 -2.89 -10.22 25.82
N PHE A 248 -3.43 -9.04 26.14
CA PHE A 248 -4.74 -8.96 26.73
C PHE A 248 -5.79 -9.41 25.72
N LEU A 249 -5.68 -8.91 24.50
CA LEU A 249 -6.60 -9.26 23.44
C LEU A 249 -6.52 -10.76 23.09
N MET A 250 -5.31 -11.28 23.07
CA MET A 250 -5.10 -12.69 22.85
C MET A 250 -5.79 -13.53 23.94
N GLN A 251 -5.69 -13.12 25.19
CA GLN A 251 -6.28 -13.88 26.28
C GLN A 251 -7.81 -13.88 26.19
N LYS A 252 -8.38 -12.78 25.72
CA LYS A 252 -9.81 -12.71 25.54
C LYS A 252 -10.26 -13.77 24.54
N ARG A 253 -9.56 -13.82 23.41
CA ARG A 253 -9.80 -14.85 22.43
C ARG A 253 -9.58 -16.24 23.04
N GLU A 254 -8.53 -16.39 23.84
CA GLU A 254 -8.26 -17.67 24.50
C GLU A 254 -9.45 -18.12 25.37
N GLU A 255 -10.00 -17.21 26.15
CA GLU A 255 -11.13 -17.55 27.00
C GLU A 255 -12.36 -17.90 26.18
N ALA A 256 -12.59 -17.16 25.10
CA ALA A 256 -13.71 -17.47 24.21
C ALA A 256 -13.55 -18.89 23.68
N ALA A 257 -12.32 -19.25 23.33
CA ALA A 257 -12.02 -20.56 22.79
C ALA A 257 -12.27 -21.67 23.83
N LEU A 258 -11.83 -21.44 25.06
CA LEU A 258 -12.05 -22.39 26.15
C LEU A 258 -13.53 -22.63 26.41
N THR A 259 -14.34 -21.58 26.29
CA THR A 259 -15.79 -21.72 26.42
C THR A 259 -16.38 -22.58 25.32
N TYR A 260 -15.98 -22.31 24.07
CA TYR A 260 -16.32 -23.20 22.97
C TYR A 260 -15.92 -24.65 23.29
N ASP A 261 -14.67 -24.83 23.73
CA ASP A 261 -14.15 -26.14 24.10
C ASP A 261 -15.01 -26.88 25.11
N ARG A 262 -15.40 -26.21 26.19
CA ARG A 262 -16.23 -26.86 27.20
C ARG A 262 -17.47 -27.42 26.52
N ILE A 263 -18.18 -26.56 25.81
CA ILE A 263 -19.48 -26.91 25.26
C ILE A 263 -19.42 -27.91 24.12
N PHE A 264 -18.34 -27.88 23.33
CA PHE A 264 -18.23 -28.78 22.18
C PHE A 264 -17.66 -30.16 22.56
N LYS A 265 -17.00 -30.22 23.71
CA LYS A 265 -16.36 -31.43 24.21
C LYS A 265 -17.17 -32.69 23.94
N ASP A 266 -16.56 -33.62 23.20
CA ASP A 266 -17.14 -34.93 22.96
C ASP A 266 -18.39 -34.92 22.08
N ASN A 267 -18.72 -33.78 21.48
CA ASN A 267 -19.87 -33.72 20.57
C ASN A 267 -19.66 -34.70 19.42
N PRO A 268 -20.76 -35.29 18.91
CA PRO A 268 -20.63 -36.27 17.83
C PRO A 268 -20.48 -35.70 16.42
N TYR A 269 -20.60 -34.38 16.25
CA TYR A 269 -20.66 -33.80 14.90
C TYR A 269 -19.31 -33.37 14.30
N PHE A 270 -18.49 -32.70 15.08
CA PHE A 270 -17.23 -32.14 14.58
C PHE A 270 -16.16 -32.10 15.65
N THR A 271 -14.93 -31.82 15.23
CA THR A 271 -13.79 -31.74 16.15
C THR A 271 -13.08 -30.39 16.11
N PRO A 272 -13.10 -29.66 17.22
CA PRO A 272 -12.47 -28.35 17.32
C PRO A 272 -10.96 -28.50 17.49
N LEU A 273 -10.19 -27.62 16.88
CA LEU A 273 -8.74 -27.73 16.96
C LEU A 273 -8.16 -27.21 18.27
N HIS A 274 -8.75 -26.15 18.81
CA HIS A 274 -8.17 -25.47 19.96
C HIS A 274 -7.68 -26.39 21.10
N PRO A 275 -8.50 -27.38 21.50
CA PRO A 275 -8.03 -28.28 22.55
C PRO A 275 -6.67 -28.94 22.27
N LEU A 276 -6.30 -29.04 21.00
CA LEU A 276 -5.15 -29.85 20.60
C LEU A 276 -3.84 -29.09 20.65
N LEU A 277 -3.92 -27.80 21.00
CA LEU A 277 -2.76 -26.93 21.00
C LEU A 277 -1.71 -27.35 22.00
N LYS A 278 -0.44 -27.12 21.67
CA LYS A 278 0.64 -27.43 22.58
C LYS A 278 1.35 -26.17 23.05
N ASP A 279 1.19 -25.09 22.30
CA ASP A 279 1.76 -23.79 22.67
C ASP A 279 0.70 -22.69 22.59
N LYS A 280 0.96 -21.56 23.24
CA LYS A 280 0.04 -20.44 23.15
C LYS A 280 -0.20 -20.05 21.70
N SER A 281 -1.47 -19.82 21.35
CA SER A 281 -1.84 -19.34 20.01
C SER A 281 -2.47 -17.93 20.07
N SER A 282 -2.30 -17.17 19.00
CA SER A 282 -2.96 -15.89 18.93
C SER A 282 -4.47 -16.12 18.89
N ASN A 283 -4.87 -17.33 18.50
CA ASN A 283 -6.28 -17.64 18.36
C ASN A 283 -6.97 -16.72 17.37
N HIS A 284 -6.32 -16.48 16.24
CA HIS A 284 -6.91 -15.64 15.22
C HIS A 284 -8.18 -16.28 14.67
N LEU A 285 -8.28 -17.58 14.75
CA LEU A 285 -9.44 -18.29 14.24
C LEU A 285 -9.83 -19.34 15.24
N TYR A 286 -11.12 -19.67 15.29
CA TYR A 286 -11.53 -20.84 16.04
C TYR A 286 -12.15 -21.82 15.06
N PRO A 287 -11.32 -22.66 14.43
CA PRO A 287 -11.81 -23.59 13.43
C PRO A 287 -12.33 -24.87 14.04
N ILE A 288 -13.38 -25.40 13.42
CA ILE A 288 -13.89 -26.74 13.74
C ILE A 288 -13.87 -27.60 12.48
N LEU A 289 -13.71 -28.91 12.66
CA LEU A 289 -13.64 -29.82 11.51
C LEU A 289 -14.77 -30.82 11.52
N MET A 290 -15.64 -30.71 10.51
CA MET A 290 -16.79 -31.60 10.37
C MET A 290 -16.33 -33.00 10.04
N HIS A 291 -17.14 -34.00 10.41
CA HIS A 291 -16.86 -35.38 10.04
C HIS A 291 -17.25 -35.59 8.60
N GLN A 292 -16.68 -36.62 7.97
CA GLN A 292 -16.85 -36.85 6.53
C GLN A 292 -18.32 -36.90 6.14
N LYS A 293 -19.16 -37.38 7.04
CA LYS A 293 -20.58 -37.55 6.75
C LYS A 293 -21.31 -36.24 6.38
N PHE A 294 -20.85 -35.10 6.90
CA PHE A 294 -21.52 -33.82 6.66
C PHE A 294 -21.03 -33.05 5.44
N PHE A 295 -19.87 -33.44 4.93
CA PHE A 295 -19.25 -32.79 3.77
C PHE A 295 -20.24 -32.40 2.67
N THR A 296 -21.01 -33.36 2.20
CA THR A 296 -21.80 -33.16 0.98
C THR A 296 -22.96 -32.16 1.15
N CYS A 297 -23.24 -31.77 2.38
CA CYS A 297 -24.26 -30.75 2.62
C CYS A 297 -23.70 -29.58 3.45
N LYS A 298 -22.44 -29.24 3.20
CA LYS A 298 -21.80 -28.17 3.93
C LYS A 298 -22.50 -26.86 3.66
N LYS A 299 -22.78 -26.60 2.39
CA LYS A 299 -23.39 -25.34 1.97
C LYS A 299 -24.63 -25.04 2.79
N LEU A 300 -25.50 -26.04 2.95
CA LEU A 300 -26.76 -25.88 3.68
C LEU A 300 -26.54 -25.60 5.15
N ILE A 301 -25.43 -26.10 5.68
CA ILE A 301 -25.08 -25.91 7.08
C ILE A 301 -24.64 -24.47 7.30
N LEU A 302 -23.75 -23.98 6.43
CA LEU A 302 -23.33 -22.60 6.45
C LEU A 302 -24.52 -21.65 6.37
N GLU A 303 -25.42 -21.90 5.42
CA GLU A 303 -26.63 -21.08 5.29
C GLU A 303 -27.51 -21.16 6.54
N SER A 304 -27.66 -22.35 7.10
CA SER A 304 -28.40 -22.52 8.36
C SER A 304 -27.78 -21.70 9.49
N LEU A 305 -26.46 -21.80 9.64
CA LEU A 305 -25.73 -21.00 10.62
C LEU A 305 -25.95 -19.49 10.40
N HIS A 306 -25.82 -19.06 9.15
CA HIS A 306 -26.02 -17.66 8.80
C HIS A 306 -27.43 -17.18 9.13
N LYS A 307 -28.41 -18.07 9.00
CA LYS A 307 -29.78 -17.73 9.36
C LYS A 307 -29.93 -17.51 10.86
N ARG A 308 -29.01 -18.04 11.66
CA ARG A 308 -29.04 -17.83 13.10
C ARG A 308 -28.19 -16.64 13.56
N GLY A 309 -27.59 -15.93 12.60
CA GLY A 309 -26.75 -14.77 12.91
C GLY A 309 -25.29 -15.11 13.11
N ILE A 310 -24.94 -16.37 12.91
CA ILE A 310 -23.56 -16.81 13.03
C ILE A 310 -22.90 -16.76 11.67
N LEU A 311 -22.31 -15.61 11.34
CA LEU A 311 -21.70 -15.42 10.02
C LEU A 311 -20.38 -16.16 9.94
N ALA A 312 -20.47 -17.49 9.81
CA ALA A 312 -19.28 -18.35 9.74
C ALA A 312 -18.57 -18.17 8.41
N GLN A 313 -17.35 -18.70 8.34
CA GLN A 313 -16.54 -18.54 7.15
C GLN A 313 -15.66 -19.78 6.99
N VAL A 314 -15.09 -19.99 5.80
CA VAL A 314 -14.17 -21.12 5.62
C VAL A 314 -12.76 -20.64 5.31
N HIS A 315 -11.78 -21.14 6.03
CA HIS A 315 -10.39 -20.88 5.71
C HIS A 315 -9.69 -22.21 5.62
N TYR A 316 -9.21 -22.62 4.45
CA TYR A 316 -9.28 -21.82 3.20
C TYR A 316 -9.59 -22.72 2.03
N LYS A 317 -10.12 -22.15 0.97
CA LYS A 317 -10.23 -22.89 -0.28
C LYS A 317 -8.79 -23.18 -0.73
N PRO A 318 -8.51 -24.44 -1.10
CA PRO A 318 -7.15 -24.74 -1.54
C PRO A 318 -6.78 -23.84 -2.71
N ILE A 319 -5.65 -23.15 -2.57
CA ILE A 319 -5.25 -22.14 -3.55
C ILE A 319 -5.20 -22.67 -4.97
N TYR A 320 -4.70 -23.90 -5.13
CA TYR A 320 -4.58 -24.49 -6.47
C TYR A 320 -5.92 -24.71 -7.17
N GLN A 321 -7.01 -24.47 -6.46
CA GLN A 321 -8.32 -24.61 -7.07
C GLN A 321 -8.77 -23.35 -7.79
N TYR A 322 -8.16 -22.22 -7.49
CA TYR A 322 -8.53 -20.99 -8.17
C TYR A 322 -8.23 -21.09 -9.67
N GLN A 323 -9.20 -20.66 -10.47
CA GLN A 323 -9.08 -20.72 -11.92
C GLN A 323 -7.68 -20.34 -12.42
N LEU A 324 -7.12 -19.26 -11.90
CA LEU A 324 -5.78 -18.82 -12.33
C LEU A 324 -4.71 -19.91 -12.14
N TYR A 325 -4.78 -20.63 -11.02
CA TYR A 325 -3.76 -21.62 -10.72
C TYR A 325 -3.94 -22.87 -11.55
N GLN A 326 -5.18 -23.29 -11.75
CA GLN A 326 -5.51 -24.34 -12.68
C GLN A 326 -4.94 -24.02 -14.05
N GLN A 327 -5.32 -22.85 -14.55
CA GLN A 327 -4.83 -22.31 -15.80
C GLN A 327 -3.32 -22.45 -15.95
N LEU A 328 -2.59 -22.19 -14.88
CA LEU A 328 -1.14 -22.08 -15.00
C LEU A 328 -0.41 -23.40 -14.83
N PHE A 329 -0.87 -24.23 -13.90
CA PHE A 329 -0.29 -25.56 -13.70
C PHE A 329 -1.41 -26.46 -13.28
N ASN A 330 -1.93 -27.25 -14.20
CA ASN A 330 -2.99 -28.16 -13.83
C ASN A 330 -2.60 -28.99 -12.60
N THR A 331 -2.78 -28.41 -11.41
CA THR A 331 -2.29 -29.04 -10.18
C THR A 331 -3.18 -30.19 -9.75
N ALA A 332 -2.57 -31.35 -9.52
CA ALA A 332 -3.29 -32.50 -9.00
C ALA A 332 -3.77 -32.21 -7.57
N PRO A 333 -5.08 -32.34 -7.33
CA PRO A 333 -5.68 -32.12 -6.00
C PRO A 333 -5.00 -32.95 -4.92
N LEU A 334 -4.85 -32.39 -3.72
CA LEU A 334 -4.20 -33.08 -2.61
C LEU A 334 -5.23 -33.52 -1.57
N LYS A 335 -5.28 -34.82 -1.29
CA LYS A 335 -6.32 -35.35 -0.43
C LYS A 335 -6.37 -34.64 0.93
N SER A 336 -5.21 -34.40 1.54
CA SER A 336 -5.18 -33.74 2.85
C SER A 336 -5.81 -32.33 2.80
N ALA A 337 -5.47 -31.57 1.77
CA ALA A 337 -6.01 -30.22 1.62
C ALA A 337 -7.50 -30.23 1.29
N GLU A 338 -7.91 -31.08 0.36
CA GLU A 338 -9.30 -31.14 -0.04
C GLU A 338 -10.20 -31.52 1.15
N ASP A 339 -9.76 -32.52 1.92
CA ASP A 339 -10.50 -32.97 3.09
C ASP A 339 -10.65 -31.84 4.09
N PHE A 340 -9.54 -31.20 4.44
CA PHE A 340 -9.56 -30.10 5.38
C PHE A 340 -10.52 -29.02 4.92
N TYR A 341 -10.44 -28.66 3.65
CA TYR A 341 -11.31 -27.62 3.07
C TYR A 341 -12.80 -27.91 3.28
N HIS A 342 -13.24 -29.08 2.83
CA HIS A 342 -14.65 -29.44 2.97
C HIS A 342 -15.07 -29.48 4.43
N ALA A 343 -14.11 -29.76 5.31
CA ALA A 343 -14.41 -29.99 6.73
C ALA A 343 -14.46 -28.73 7.59
N GLU A 344 -13.61 -27.76 7.26
CA GLU A 344 -13.32 -26.61 8.13
C GLU A 344 -14.38 -25.53 8.14
N ILE A 345 -14.74 -25.10 9.35
CA ILE A 345 -15.56 -23.90 9.57
C ILE A 345 -14.92 -23.05 10.68
N SER A 346 -14.73 -21.76 10.41
CA SER A 346 -14.23 -20.85 11.43
C SER A 346 -15.42 -20.16 12.05
N LEU A 347 -15.56 -20.29 13.37
CA LEU A 347 -16.67 -19.66 14.10
C LEU A 347 -16.26 -18.30 14.63
N PRO A 348 -17.24 -17.47 15.06
CA PRO A 348 -16.91 -16.14 15.57
C PRO A 348 -15.93 -16.18 16.73
N CYS A 349 -14.90 -15.35 16.62
CA CYS A 349 -13.80 -15.42 17.55
C CYS A 349 -12.92 -14.17 17.53
N HIS A 350 -13.11 -13.31 18.53
CA HIS A 350 -12.37 -12.05 18.62
C HIS A 350 -12.54 -11.50 20.03
N ALA A 351 -11.68 -10.56 20.38
CA ALA A 351 -11.53 -10.10 21.77
C ALA A 351 -12.79 -9.51 22.38
N ASN A 352 -13.74 -9.11 21.54
CA ASN A 352 -14.95 -8.49 22.06
C ASN A 352 -16.11 -9.44 22.23
N LEU A 353 -15.86 -10.73 22.09
CA LEU A 353 -16.95 -11.69 22.14
C LEU A 353 -17.11 -12.11 23.58
N ASN A 354 -18.26 -11.82 24.17
CA ASN A 354 -18.39 -12.07 25.61
C ASN A 354 -18.93 -13.46 25.93
N LEU A 355 -18.87 -13.82 27.22
CA LEU A 355 -19.28 -15.13 27.71
C LEU A 355 -20.67 -15.55 27.20
N GLU A 356 -21.63 -14.66 27.36
CA GLU A 356 -22.98 -14.92 26.89
C GLU A 356 -23.01 -15.22 25.41
N SER A 357 -22.38 -14.39 24.61
CA SER A 357 -22.38 -14.58 23.16
C SER A 357 -21.80 -15.92 22.75
N VAL A 358 -20.67 -16.29 23.33
CA VAL A 358 -20.02 -17.55 22.98
C VAL A 358 -20.93 -18.74 23.25
N GLN A 359 -21.62 -18.70 24.38
CA GLN A 359 -22.48 -19.79 24.77
C GLN A 359 -23.66 -19.93 23.83
N ASN A 360 -24.27 -18.81 23.45
CA ASN A 360 -25.39 -18.82 22.52
C ASN A 360 -24.95 -19.32 21.17
N ILE A 361 -23.83 -18.81 20.69
CA ILE A 361 -23.23 -19.29 19.46
C ILE A 361 -22.96 -20.80 19.54
N ALA A 362 -22.26 -21.23 20.59
CA ALA A 362 -21.86 -22.64 20.74
C ALA A 362 -23.05 -23.58 20.75
N HIS A 363 -24.13 -23.16 21.40
CA HIS A 363 -25.34 -23.97 21.42
C HIS A 363 -26.09 -23.94 20.08
N SER A 364 -26.10 -22.79 19.41
CA SER A 364 -26.70 -22.70 18.07
C SER A 364 -25.99 -23.59 17.04
N VAL A 365 -24.66 -23.67 17.13
CA VAL A 365 -23.87 -24.52 16.23
C VAL A 365 -24.29 -25.97 16.39
N LEU A 366 -24.40 -26.42 17.65
CA LEU A 366 -24.84 -27.79 17.94
C LEU A 366 -26.25 -28.05 17.45
N LYS A 367 -27.18 -27.16 17.81
CA LYS A 367 -28.55 -27.29 17.35
C LYS A 367 -28.57 -27.45 15.83
N THR A 368 -27.81 -26.61 15.13
CA THR A 368 -27.73 -26.66 13.67
C THR A 368 -27.28 -28.03 13.13
N PHE A 369 -26.15 -28.53 13.62
CA PHE A 369 -25.60 -29.78 13.11
C PHE A 369 -26.55 -30.93 13.30
N GLU A 370 -27.20 -30.96 14.45
CA GLU A 370 -28.09 -32.05 14.78
C GLU A 370 -29.34 -32.06 13.92
N SER A 371 -29.77 -30.87 13.48
CA SER A 371 -30.94 -30.76 12.60
C SER A 371 -30.76 -31.55 11.30
N PHE A 372 -29.53 -31.68 10.82
CA PHE A 372 -29.23 -32.47 9.62
C PHE A 372 -29.01 -33.95 9.96
N LYS A 373 -30.07 -34.65 10.33
CA LYS A 373 -29.97 -36.05 10.79
C LYS A 373 -29.17 -36.92 9.81
N ILE A 374 -28.21 -37.68 10.35
CA ILE A 374 -27.24 -38.49 9.56
C ILE A 374 -26.72 -37.73 8.34
N MET B 1 13.59 29.79 16.44
CA MET B 1 13.30 29.20 15.11
C MET B 1 12.21 29.96 14.31
N LYS B 2 11.08 29.27 14.07
CA LYS B 2 10.04 29.65 13.09
C LYS B 2 10.41 29.06 11.73
N GLU B 3 10.18 27.76 11.58
CA GLU B 3 10.58 27.04 10.38
C GLU B 3 9.41 26.70 9.50
N PHE B 4 9.48 27.04 8.23
CA PHE B 4 8.44 26.67 7.31
C PHE B 4 8.92 25.57 6.40
N ALA B 5 8.24 24.42 6.43
CA ALA B 5 8.45 23.39 5.42
C ALA B 5 7.81 23.83 4.10
N TYR B 6 8.11 23.14 3.00
CA TYR B 6 7.66 23.64 1.71
C TYR B 6 6.20 23.36 1.52
N SER B 7 5.70 22.34 2.22
CA SER B 7 4.27 22.05 2.30
C SER B 7 3.99 21.36 3.60
N GLU B 8 2.74 21.37 4.05
CA GLU B 8 2.33 20.63 5.23
C GLU B 8 0.84 20.34 5.17
N PRO B 9 0.38 19.33 5.92
CA PRO B 9 -1.04 18.98 5.87
C PRO B 9 -1.91 20.02 6.60
N CYS B 10 -3.14 20.22 6.12
CA CYS B 10 -4.04 21.17 6.73
C CYS B 10 -5.33 20.51 7.13
N LEU B 11 -5.34 19.95 8.34
CA LEU B 11 -6.54 19.35 8.91
C LEU B 11 -7.29 20.34 9.83
N ASP B 12 -8.59 20.15 10.01
CA ASP B 12 -9.38 20.99 10.91
C ASP B 12 -10.35 20.15 11.75
N LYS B 13 -11.14 20.81 12.60
CA LYS B 13 -12.09 20.11 13.46
C LYS B 13 -12.84 19.03 12.68
N GLU B 14 -13.39 19.40 11.52
CA GLU B 14 -14.16 18.48 10.66
C GLU B 14 -13.41 17.20 10.38
N ASP B 15 -12.18 17.36 9.88
CA ASP B 15 -11.32 16.23 9.50
C ASP B 15 -11.21 15.25 10.64
N LYS B 16 -10.95 15.78 11.83
CA LYS B 16 -10.76 14.96 13.00
C LYS B 16 -12.08 14.28 13.38
N LYS B 17 -13.12 15.08 13.56
CA LYS B 17 -14.45 14.54 13.80
C LYS B 17 -14.70 13.36 12.86
N ALA B 18 -14.42 13.55 11.58
CA ALA B 18 -14.66 12.55 10.53
C ALA B 18 -13.93 11.25 10.78
N VAL B 19 -12.70 11.37 11.27
CA VAL B 19 -11.89 10.20 11.57
C VAL B 19 -12.41 9.48 12.83
N LEU B 20 -12.86 10.24 13.83
CA LEU B 20 -13.41 9.64 15.05
C LEU B 20 -14.52 8.63 14.80
N GLU B 21 -15.57 9.09 14.12
CA GLU B 21 -16.74 8.25 13.95
C GLU B 21 -16.37 6.94 13.27
N VAL B 22 -15.33 6.96 12.45
CA VAL B 22 -14.88 5.74 11.83
C VAL B 22 -14.29 4.80 12.87
N LEU B 23 -13.53 5.36 13.80
CA LEU B 23 -12.95 4.54 14.87
C LEU B 23 -14.01 3.94 15.78
N ASN B 24 -15.23 4.48 15.73
CA ASN B 24 -16.34 3.91 16.50
C ASN B 24 -17.03 2.77 15.75
N SER B 25 -16.66 2.59 14.48
CA SER B 25 -17.32 1.63 13.61
C SER B 25 -16.67 0.23 13.67
N LYS B 26 -17.45 -0.82 13.38
CA LYS B 26 -16.89 -2.17 13.23
C LYS B 26 -16.25 -2.36 11.85
N GLN B 27 -16.40 -1.35 10.99
CA GLN B 27 -16.01 -1.43 9.59
C GLN B 27 -14.83 -0.49 9.33
N LEU B 28 -13.60 -0.98 9.56
CA LEU B 28 -12.39 -0.16 9.44
C LEU B 28 -11.76 -0.16 8.06
N THR B 29 -12.17 -1.11 7.23
CA THR B 29 -11.63 -1.22 5.86
C THR B 29 -12.62 -1.94 4.94
N GLN B 30 -12.45 -1.78 3.63
CA GLN B 30 -13.36 -2.37 2.65
C GLN B 30 -14.78 -2.09 3.08
N GLY B 31 -15.12 -0.80 3.14
CA GLY B 31 -16.38 -0.36 3.70
C GLY B 31 -16.99 0.75 2.86
N LYS B 32 -18.06 1.34 3.39
CA LYS B 32 -18.88 2.25 2.64
C LYS B 32 -18.15 3.55 2.31
N ARG B 33 -17.19 3.93 3.13
CA ARG B 33 -16.62 5.27 2.98
C ARG B 33 -15.66 5.46 1.79
N SER B 34 -14.91 4.42 1.43
CA SER B 34 -14.02 4.53 0.26
C SER B 34 -14.85 4.63 -1.01
N LEU B 35 -15.98 3.94 -1.04
CA LEU B 35 -16.91 4.04 -2.16
C LEU B 35 -17.45 5.44 -2.25
N LEU B 36 -17.78 6.01 -1.10
CA LEU B 36 -18.24 7.40 -1.01
C LEU B 36 -17.18 8.36 -1.48
N PHE B 37 -15.96 8.13 -1.02
CA PHE B 37 -14.83 8.95 -1.42
C PHE B 37 -14.62 8.85 -2.93
N GLU B 38 -14.79 7.63 -3.47
CA GLU B 38 -14.66 7.41 -4.91
C GLU B 38 -15.72 8.15 -5.72
N GLU B 39 -16.97 8.10 -5.25
CA GLU B 39 -18.05 8.85 -5.91
C GLU B 39 -17.84 10.36 -5.84
N ALA B 40 -17.42 10.87 -4.68
CA ALA B 40 -17.17 12.29 -4.48
C ALA B 40 -16.09 12.81 -5.42
N LEU B 41 -15.09 11.96 -5.68
CA LEU B 41 -14.04 12.25 -6.66
C LEU B 41 -14.63 12.39 -8.06
N CYS B 42 -15.48 11.44 -8.42
CA CYS B 42 -16.11 11.46 -9.73
C CYS B 42 -16.88 12.74 -9.96
N GLU B 43 -17.60 13.21 -8.94
CA GLU B 43 -18.43 14.40 -9.13
C GLU B 43 -17.55 15.60 -9.17
N PHE B 44 -16.54 15.62 -8.31
CA PHE B 44 -15.60 16.72 -8.32
C PHE B 44 -14.93 16.85 -9.68
N LEU B 45 -14.50 15.73 -10.24
CA LEU B 45 -13.75 15.72 -11.50
C LEU B 45 -14.63 15.61 -12.76
N GLY B 46 -15.90 15.26 -12.57
CA GLY B 46 -16.78 15.01 -13.69
C GLY B 46 -16.33 13.83 -14.54
N VAL B 47 -15.65 12.87 -13.92
CA VAL B 47 -15.28 11.65 -14.62
C VAL B 47 -16.20 10.51 -14.20
N LYS B 48 -16.05 9.39 -14.87
CA LYS B 48 -17.01 8.30 -14.76
C LYS B 48 -16.61 7.21 -13.75
N HIS B 49 -15.33 7.15 -13.41
CA HIS B 49 -14.83 6.14 -12.47
C HIS B 49 -13.68 6.64 -11.61
N ALA B 50 -13.62 6.17 -10.37
CA ALA B 50 -12.52 6.53 -9.48
C ALA B 50 -12.16 5.38 -8.53
N LEU B 51 -10.87 5.11 -8.40
CA LEU B 51 -10.37 4.09 -7.46
C LEU B 51 -9.34 4.66 -6.52
N VAL B 52 -9.48 4.40 -5.23
CA VAL B 52 -8.53 4.92 -4.25
C VAL B 52 -7.56 3.85 -3.78
N PHE B 53 -6.28 4.24 -3.65
CA PHE B 53 -5.20 3.32 -3.26
C PHE B 53 -4.45 3.82 -2.02
N ASN B 54 -3.63 2.95 -1.44
CA ASN B 54 -2.83 3.28 -0.25
C ASN B 54 -1.85 4.40 -0.55
N SER B 55 -1.44 4.50 -1.81
CA SER B 55 -0.49 5.51 -2.26
C SER B 55 -0.67 5.77 -3.74
N ALA B 56 -0.13 6.89 -4.24
CA ALA B 56 -0.19 7.16 -5.67
C ALA B 56 0.74 6.25 -6.46
N THR B 57 1.81 5.79 -5.80
CA THR B 57 2.79 4.93 -6.43
C THR B 57 2.19 3.56 -6.70
N SER B 58 1.27 3.15 -5.83
CA SER B 58 0.52 1.93 -6.08
C SER B 58 -0.49 2.17 -7.19
N ALA B 59 -1.07 3.37 -7.20
CA ALA B 59 -2.01 3.74 -8.24
C ALA B 59 -1.29 3.67 -9.57
N LEU B 60 -0.09 4.26 -9.62
CA LEU B 60 0.71 4.27 -10.86
C LEU B 60 1.03 2.85 -11.32
N LEU B 61 1.49 2.01 -10.39
CA LEU B 61 1.80 0.64 -10.76
C LEU B 61 0.58 -0.01 -11.37
N THR B 62 -0.55 0.13 -10.70
CA THR B 62 -1.79 -0.48 -11.18
C THR B 62 -2.19 0.01 -12.58
N LEU B 63 -2.08 1.31 -12.84
CA LEU B 63 -2.37 1.83 -14.18
C LEU B 63 -1.42 1.26 -15.22
N TYR B 64 -0.13 1.44 -15.00
CA TYR B 64 0.85 0.94 -15.94
C TYR B 64 0.62 -0.54 -16.24
N ARG B 65 0.32 -1.32 -15.20
CA ARG B 65 0.19 -2.78 -15.37
C ARG B 65 -1.05 -3.19 -16.14
N ASN B 66 -2.07 -2.33 -16.15
CA ASN B 66 -3.38 -2.79 -16.59
C ASN B 66 -4.01 -2.05 -17.76
N PHE B 67 -3.40 -0.95 -18.20
CA PHE B 67 -4.02 -0.13 -19.26
C PHE B 67 -3.97 -0.88 -20.56
N SER B 68 -3.10 -1.89 -20.61
CA SER B 68 -2.97 -2.80 -21.73
C SER B 68 -2.18 -3.98 -21.20
N GLU B 69 -2.12 -5.07 -21.96
CA GLU B 69 -1.24 -6.18 -21.59
C GLU B 69 0.15 -5.84 -22.08
N PHE B 70 1.17 -6.45 -21.48
CA PHE B 70 2.52 -6.11 -21.87
C PHE B 70 2.96 -6.95 -23.07
N SER B 71 3.57 -6.27 -24.04
CA SER B 71 4.10 -6.94 -25.21
C SER B 71 5.55 -6.51 -25.34
N ALA B 72 6.46 -7.45 -25.52
CA ALA B 72 7.88 -7.08 -25.55
C ALA B 72 8.22 -6.16 -26.74
N ASP B 73 7.32 -6.08 -27.71
CA ASP B 73 7.59 -5.30 -28.91
C ASP B 73 7.09 -3.87 -28.79
N ARG B 74 6.16 -3.66 -27.88
CA ARG B 74 5.68 -2.32 -27.60
C ARG B 74 6.01 -1.95 -26.16
N ASN B 75 7.31 -1.81 -25.89
CA ASN B 75 7.82 -1.72 -24.54
C ASN B 75 8.33 -0.32 -24.14
N GLU B 76 8.20 0.65 -25.03
CA GLU B 76 8.69 2.00 -24.74
C GLU B 76 7.56 2.95 -24.39
N ILE B 77 7.79 3.74 -23.35
CA ILE B 77 6.86 4.78 -22.96
C ILE B 77 7.63 6.08 -22.78
N ILE B 78 7.14 7.14 -23.42
CA ILE B 78 7.73 8.46 -23.28
C ILE B 78 7.17 9.14 -22.03
N THR B 79 8.04 9.81 -21.28
CA THR B 79 7.64 10.54 -20.09
C THR B 79 8.65 11.62 -19.82
N THR B 80 8.42 12.43 -18.80
CA THR B 80 9.33 13.53 -18.48
C THR B 80 10.36 13.11 -17.44
N PRO B 81 11.58 13.66 -17.54
CA PRO B 81 12.60 13.44 -16.53
C PRO B 81 12.35 14.31 -15.30
N ILE B 82 11.55 15.35 -15.44
CA ILE B 82 11.24 16.20 -14.30
C ILE B 82 9.93 15.75 -13.65
N SER B 83 10.09 14.89 -12.66
CA SER B 83 8.98 14.39 -11.86
C SER B 83 9.56 13.59 -10.71
N PHE B 84 8.70 13.17 -9.80
CA PHE B 84 9.15 12.32 -8.71
C PHE B 84 9.51 10.94 -9.26
N VAL B 85 10.61 10.37 -8.76
CA VAL B 85 11.15 9.14 -9.30
C VAL B 85 10.10 8.03 -9.40
N ALA B 86 9.03 8.14 -8.61
CA ALA B 86 7.95 7.16 -8.63
C ALA B 86 7.31 6.99 -10.01
N THR B 87 7.17 8.09 -10.76
CA THR B 87 6.56 8.05 -12.09
C THR B 87 7.29 7.04 -13.00
N ALA B 88 8.61 6.98 -12.84
CA ALA B 88 9.42 6.15 -13.69
C ALA B 88 9.69 4.77 -13.09
N ASN B 89 9.92 4.71 -11.78
CA ASN B 89 10.15 3.42 -11.13
C ASN B 89 9.04 2.40 -11.41
N MET B 90 7.80 2.88 -11.46
CA MET B 90 6.67 2.02 -11.72
C MET B 90 6.63 1.58 -13.19
N LEU B 91 7.15 2.42 -14.08
CA LEU B 91 7.32 2.02 -15.49
C LEU B 91 8.28 0.82 -15.56
N LEU B 92 9.43 0.94 -14.92
CA LEU B 92 10.37 -0.15 -14.83
C LEU B 92 9.70 -1.40 -14.25
N GLU B 93 9.04 -1.27 -13.10
CA GLU B 93 8.31 -2.41 -12.51
C GLU B 93 7.28 -3.06 -13.43
N SER B 94 6.82 -2.34 -14.45
CA SER B 94 5.81 -2.89 -15.35
C SER B 94 6.42 -3.32 -16.68
N GLY B 95 7.75 -3.47 -16.71
CA GLY B 95 8.46 -3.94 -17.89
C GLY B 95 8.79 -2.85 -18.91
N TYR B 96 8.21 -1.68 -18.75
CA TYR B 96 8.41 -0.61 -19.73
C TYR B 96 9.76 0.07 -19.58
N THR B 97 10.25 0.60 -20.69
CA THR B 97 11.50 1.34 -20.73
C THR B 97 11.12 2.82 -20.88
N PRO B 98 11.51 3.65 -19.91
CA PRO B 98 11.17 5.07 -19.99
C PRO B 98 12.00 5.79 -21.04
N VAL B 99 11.33 6.56 -21.91
CA VAL B 99 12.03 7.38 -22.90
C VAL B 99 11.82 8.85 -22.54
N PHE B 100 12.91 9.53 -22.19
CA PHE B 100 12.83 10.87 -21.60
C PHE B 100 12.82 12.01 -22.59
N ALA B 101 11.70 12.74 -22.60
CA ALA B 101 11.50 13.87 -23.49
C ALA B 101 12.01 15.16 -22.86
N GLY B 102 12.20 16.17 -23.69
CA GLY B 102 12.61 17.47 -23.20
C GLY B 102 11.44 18.15 -22.52
N ILE B 103 11.73 19.13 -21.69
CA ILE B 103 10.69 19.86 -21.00
C ILE B 103 10.75 21.32 -21.43
N LYS B 104 9.81 22.12 -20.90
CA LYS B 104 9.72 23.53 -21.21
C LYS B 104 10.02 24.37 -19.98
N ASN B 105 9.96 25.68 -20.16
CA ASN B 105 10.19 26.65 -19.09
C ASN B 105 9.47 26.31 -17.81
N ASP B 106 8.21 25.89 -17.95
CA ASP B 106 7.31 25.79 -16.81
C ASP B 106 7.48 24.43 -16.13
N GLY B 107 8.43 23.63 -16.60
CA GLY B 107 8.68 22.33 -16.01
C GLY B 107 7.87 21.23 -16.64
N ASN B 108 6.86 21.61 -17.42
CA ASN B 108 6.05 20.63 -18.13
C ASN B 108 6.73 19.96 -19.32
N ILE B 109 6.32 18.72 -19.60
CA ILE B 109 6.85 18.00 -20.76
C ILE B 109 6.61 18.87 -22.02
N ASP B 110 7.59 18.88 -22.91
CA ASP B 110 7.49 19.66 -24.12
C ASP B 110 6.69 18.91 -25.17
N GLU B 111 5.45 19.34 -25.39
CA GLU B 111 4.57 18.65 -26.33
C GLU B 111 5.06 18.77 -27.78
N LEU B 112 5.86 19.81 -28.04
CA LEU B 112 6.45 20.01 -29.36
C LEU B 112 7.64 19.08 -29.64
N ALA B 113 8.20 18.47 -28.60
CA ALA B 113 9.42 17.66 -28.73
C ALA B 113 9.14 16.18 -28.56
N LEU B 114 7.87 15.83 -28.69
CA LEU B 114 7.45 14.47 -28.41
C LEU B 114 7.51 13.56 -29.64
N GLU B 115 6.99 14.06 -30.76
CA GLU B 115 6.76 13.21 -31.93
C GLU B 115 8.02 12.47 -32.43
N LYS B 116 9.14 13.16 -32.47
CA LYS B 116 10.40 12.61 -32.96
C LYS B 116 10.92 11.45 -32.11
N LEU B 117 10.33 11.24 -30.94
CA LEU B 117 10.80 10.17 -30.05
C LEU B 117 10.02 8.87 -30.25
N ILE B 118 8.99 8.91 -31.09
CA ILE B 118 8.11 7.77 -31.30
C ILE B 118 8.64 6.83 -32.37
N ASN B 119 8.63 5.54 -32.06
CA ASN B 119 8.98 4.51 -33.03
C ASN B 119 8.00 3.36 -32.82
N GLU B 120 8.14 2.27 -33.57
CA GLU B 120 7.12 1.21 -33.49
C GLU B 120 7.10 0.44 -32.16
N ARG B 121 8.03 0.77 -31.26
CA ARG B 121 8.03 0.22 -29.88
C ARG B 121 7.23 1.08 -28.89
N THR B 122 6.99 2.34 -29.24
CA THR B 122 6.32 3.28 -28.36
C THR B 122 4.88 2.84 -28.09
N LYS B 123 4.54 2.77 -26.81
CA LYS B 123 3.23 2.28 -26.36
C LYS B 123 2.36 3.39 -25.79
N ALA B 124 2.98 4.27 -25.00
CA ALA B 124 2.24 5.30 -24.28
C ALA B 124 3.07 6.54 -24.06
N ILE B 125 2.41 7.60 -23.61
CA ILE B 125 3.08 8.81 -23.17
C ILE B 125 2.55 9.14 -21.79
N VAL B 126 3.46 9.32 -20.82
CA VAL B 126 3.08 9.64 -19.45
C VAL B 126 3.51 11.06 -19.11
N SER B 127 2.55 11.99 -19.08
CA SER B 127 2.81 13.38 -18.75
C SER B 127 2.66 13.61 -17.25
N VAL B 128 3.28 14.67 -16.75
CA VAL B 128 3.11 15.07 -15.37
C VAL B 128 2.69 16.52 -15.36
N ASP B 129 1.68 16.84 -14.57
CA ASP B 129 1.24 18.22 -14.42
C ASP B 129 2.11 18.83 -13.34
N TYR B 130 3.22 19.43 -13.76
CA TYR B 130 4.20 19.93 -12.82
C TYR B 130 3.68 21.11 -12.01
N ALA B 131 3.81 21.00 -10.69
CA ALA B 131 3.36 22.03 -9.75
C ALA B 131 1.84 22.22 -9.78
N GLY B 132 1.14 21.38 -10.53
CA GLY B 132 -0.30 21.53 -10.66
C GLY B 132 -0.72 22.23 -11.94
N LYS B 133 0.25 22.71 -12.70
CA LYS B 133 -0.04 23.29 -14.01
C LYS B 133 -0.30 22.21 -15.05
N SER B 134 -1.48 22.26 -15.67
CA SER B 134 -1.84 21.24 -16.64
C SER B 134 -0.93 21.31 -17.85
N VAL B 135 -0.51 20.15 -18.35
CA VAL B 135 0.26 20.11 -19.58
C VAL B 135 -0.60 20.51 -20.78
N GLU B 136 -0.01 20.56 -21.97
CA GLU B 136 -0.75 20.87 -23.18
C GLU B 136 -1.62 19.70 -23.65
N VAL B 137 -2.75 19.54 -22.98
CA VAL B 137 -3.62 18.39 -23.15
C VAL B 137 -4.04 18.16 -24.60
N GLU B 138 -4.65 19.19 -25.20
CA GLU B 138 -5.16 19.07 -26.56
C GLU B 138 -4.08 18.49 -27.45
N SER B 139 -2.91 19.11 -27.41
CA SER B 139 -1.78 18.70 -28.24
C SER B 139 -1.40 17.22 -28.05
N VAL B 140 -1.35 16.76 -26.81
CA VAL B 140 -0.97 15.38 -26.54
C VAL B 140 -2.07 14.39 -26.95
N GLN B 141 -3.32 14.72 -26.60
CA GLN B 141 -4.43 13.87 -27.00
C GLN B 141 -4.31 13.49 -28.46
N LYS B 142 -4.02 14.49 -29.30
CA LYS B 142 -3.94 14.33 -30.74
C LYS B 142 -2.76 13.49 -31.16
N LEU B 143 -1.57 13.82 -30.65
CA LEU B 143 -0.36 13.05 -30.93
C LEU B 143 -0.60 11.56 -30.72
N CYS B 144 -1.28 11.22 -29.62
CA CYS B 144 -1.58 9.83 -29.29
C CYS B 144 -2.60 9.20 -30.21
N LYS B 145 -3.72 9.89 -30.43
CA LYS B 145 -4.71 9.41 -31.38
C LYS B 145 -4.03 9.11 -32.71
N LYS B 146 -3.26 10.08 -33.18
CA LYS B 146 -2.55 9.97 -34.44
C LYS B 146 -1.65 8.74 -34.49
N HIS B 147 -0.87 8.49 -33.44
CA HIS B 147 0.05 7.35 -33.47
C HIS B 147 -0.46 6.12 -32.72
N SER B 148 -1.77 6.03 -32.51
CA SER B 148 -2.34 4.93 -31.74
C SER B 148 -1.60 4.67 -30.41
N LEU B 149 -1.39 5.72 -29.63
CA LEU B 149 -0.66 5.61 -28.37
C LEU B 149 -1.60 5.84 -27.19
N SER B 150 -1.34 5.18 -26.07
CA SER B 150 -2.15 5.46 -24.88
C SER B 150 -1.65 6.70 -24.13
N PHE B 151 -2.57 7.61 -23.82
CA PHE B 151 -2.24 8.82 -23.07
C PHE B 151 -2.51 8.63 -21.56
N LEU B 152 -1.42 8.55 -20.78
CA LEU B 152 -1.53 8.40 -19.33
C LEU B 152 -1.05 9.65 -18.64
N SER B 153 -1.71 10.04 -17.56
CA SER B 153 -1.38 11.27 -16.89
C SER B 153 -1.11 11.10 -15.40
N ASP B 154 0.11 11.42 -14.98
CA ASP B 154 0.41 11.48 -13.57
C ASP B 154 0.06 12.86 -13.08
N SER B 155 -1.16 13.01 -12.56
CA SER B 155 -1.63 14.30 -12.07
C SER B 155 -1.59 14.43 -10.54
N SER B 156 -0.57 13.81 -9.92
CA SER B 156 -0.40 13.84 -8.48
C SER B 156 -0.44 15.25 -7.92
N HIS B 157 0.16 16.19 -8.65
CA HIS B 157 0.25 17.55 -8.19
C HIS B 157 -1.05 18.32 -8.38
N ALA B 158 -1.96 17.81 -9.19
CA ALA B 158 -2.95 18.70 -9.83
C ALA B 158 -4.45 18.53 -9.54
N LEU B 159 -4.81 17.81 -8.48
CA LEU B 159 -6.20 17.71 -8.06
C LEU B 159 -6.80 19.09 -7.88
N GLY B 160 -7.72 19.46 -8.76
CA GLY B 160 -8.38 20.77 -8.68
C GLY B 160 -7.98 21.69 -9.81
N SER B 161 -6.78 21.46 -10.35
CA SER B 161 -6.29 22.24 -11.47
C SER B 161 -7.18 22.07 -12.69
N GLU B 162 -7.23 23.12 -13.50
CA GLU B 162 -8.03 23.12 -14.71
C GLU B 162 -7.21 23.32 -15.99
N TYR B 163 -7.80 22.89 -17.10
CA TYR B 163 -7.28 23.14 -18.44
C TYR B 163 -8.49 23.60 -19.25
N GLN B 164 -8.39 24.79 -19.85
CA GLN B 164 -9.49 25.37 -20.60
C GLN B 164 -10.81 25.27 -19.85
N ASN B 165 -10.77 25.67 -18.58
CA ASN B 165 -11.94 25.66 -17.71
C ASN B 165 -12.58 24.28 -17.54
N LYS B 166 -11.79 23.23 -17.67
CA LYS B 166 -12.27 21.90 -17.31
C LYS B 166 -11.25 21.24 -16.39
N LYS B 167 -11.72 20.60 -15.33
CA LYS B 167 -10.82 20.03 -14.34
C LYS B 167 -9.94 18.91 -14.89
N VAL B 168 -8.68 18.93 -14.50
CA VAL B 168 -7.75 17.86 -14.82
C VAL B 168 -8.28 16.55 -14.22
N GLY B 169 -8.08 15.45 -14.93
CA GLY B 169 -8.52 14.13 -14.50
C GLY B 169 -9.29 13.42 -15.60
N GLY B 170 -9.92 14.21 -16.46
CA GLY B 170 -10.77 13.68 -17.51
C GLY B 170 -10.04 13.49 -18.82
N PHE B 171 -8.90 14.15 -19.00
CA PHE B 171 -8.31 14.29 -20.32
C PHE B 171 -7.59 13.06 -20.85
N ALA B 172 -6.99 12.28 -19.96
CA ALA B 172 -6.22 11.09 -20.40
C ALA B 172 -7.05 9.81 -20.41
N LEU B 173 -6.43 8.72 -20.83
CA LEU B 173 -7.10 7.43 -20.74
C LEU B 173 -7.40 7.17 -19.27
N ALA B 174 -6.43 7.55 -18.43
CA ALA B 174 -6.56 7.51 -16.98
C ALA B 174 -5.68 8.58 -16.33
N SER B 175 -5.97 8.94 -15.09
CA SER B 175 -5.16 9.93 -14.39
C SER B 175 -4.92 9.51 -12.95
N VAL B 176 -3.71 9.74 -12.47
CA VAL B 176 -3.35 9.40 -11.12
C VAL B 176 -3.30 10.65 -10.26
N PHE B 177 -3.83 10.55 -9.06
CA PHE B 177 -3.77 11.65 -8.08
C PHE B 177 -3.17 11.10 -6.80
N SER B 178 -2.66 12.00 -5.97
CA SER B 178 -2.03 11.58 -4.72
C SER B 178 -2.56 12.34 -3.52
N PHE B 179 -2.76 11.63 -2.42
CA PHE B 179 -3.20 12.28 -1.20
C PHE B 179 -2.18 12.08 -0.09
N HIS B 180 -0.91 12.03 -0.48
CA HIS B 180 0.17 12.06 0.49
C HIS B 180 0.06 13.30 1.36
N ALA B 181 0.62 13.25 2.57
CA ALA B 181 0.50 14.31 3.57
C ALA B 181 0.59 15.75 3.04
N ILE B 182 1.48 15.99 2.10
CA ILE B 182 1.76 17.36 1.70
C ILE B 182 1.20 17.75 0.33
N LYS B 183 0.36 16.90 -0.26
CA LYS B 183 -0.27 17.23 -1.53
C LYS B 183 -1.50 18.11 -1.29
N PRO B 184 -2.15 18.57 -2.38
CA PRO B 184 -3.33 19.44 -2.32
C PRO B 184 -4.33 19.09 -1.20
N ILE B 185 -4.73 17.82 -1.10
CA ILE B 185 -5.52 17.34 0.03
C ILE B 185 -4.90 16.01 0.46
N THR B 186 -5.17 15.56 1.68
CA THR B 186 -4.44 14.40 2.16
C THR B 186 -5.26 13.32 2.84
N THR B 187 -4.79 12.08 2.71
CA THR B 187 -5.32 10.96 3.47
C THR B 187 -4.16 10.30 4.22
N ALA B 188 -3.15 11.11 4.55
CA ALA B 188 -1.90 10.68 5.18
C ALA B 188 -0.99 10.00 4.16
N GLU B 189 -1.41 8.82 3.72
CA GLU B 189 -0.89 8.23 2.50
C GLU B 189 -2.13 7.90 1.69
N GLY B 190 -2.02 7.99 0.37
CA GLY B 190 -3.19 7.75 -0.48
C GLY B 190 -3.01 8.16 -1.92
N GLY B 191 -3.81 7.56 -2.78
CA GLY B 191 -3.74 7.85 -4.20
C GLY B 191 -5.05 7.43 -4.85
N ALA B 192 -5.18 7.72 -6.13
CA ALA B 192 -6.38 7.37 -6.87
C ALA B 192 -6.10 7.25 -8.36
N VAL B 193 -6.80 6.34 -9.03
CA VAL B 193 -6.82 6.35 -10.49
C VAL B 193 -8.23 6.61 -10.97
N VAL B 194 -8.40 7.68 -11.73
CA VAL B 194 -9.68 7.96 -12.34
C VAL B 194 -9.62 7.67 -13.83
N THR B 195 -10.77 7.42 -14.43
CA THR B 195 -10.83 7.04 -15.85
C THR B 195 -12.27 7.05 -16.34
N ASN B 196 -12.45 7.14 -17.65
CA ASN B 196 -13.77 7.03 -18.21
C ASN B 196 -14.01 5.67 -18.86
N ASP B 197 -13.04 4.78 -18.68
CA ASP B 197 -13.08 3.44 -19.26
C ASP B 197 -13.46 2.39 -18.21
N SER B 198 -14.69 1.89 -18.30
CA SER B 198 -15.20 0.89 -17.35
C SER B 198 -14.33 -0.35 -17.28
N GLU B 199 -13.91 -0.84 -18.42
CA GLU B 199 -13.16 -2.08 -18.41
C GLU B 199 -11.86 -1.89 -17.64
N LEU B 200 -11.20 -0.75 -17.85
CA LEU B 200 -9.97 -0.40 -17.16
C LEU B 200 -10.22 -0.23 -15.65
N HIS B 201 -11.30 0.45 -15.32
CA HIS B 201 -11.69 0.60 -13.92
C HIS B 201 -11.83 -0.75 -13.27
N GLU B 202 -12.52 -1.66 -13.96
CA GLU B 202 -12.75 -3.00 -13.45
C GLU B 202 -11.49 -3.84 -13.24
N LYS B 203 -10.60 -3.86 -14.24
CA LYS B 203 -9.34 -4.60 -14.13
C LYS B 203 -8.52 -4.04 -12.97
N MET B 204 -8.52 -2.71 -12.83
CA MET B 204 -7.73 -2.07 -11.80
C MET B 204 -8.33 -2.38 -10.43
N LYS B 205 -9.64 -2.26 -10.33
CA LYS B 205 -10.35 -2.58 -9.10
C LYS B 205 -9.88 -3.93 -8.52
N LEU B 206 -9.86 -4.95 -9.38
CA LEU B 206 -9.44 -6.29 -8.98
C LEU B 206 -7.97 -6.34 -8.61
N PHE B 207 -7.12 -5.79 -9.47
CA PHE B 207 -5.68 -5.74 -9.23
C PHE B 207 -5.39 -5.16 -7.84
N ARG B 208 -6.24 -4.21 -7.43
CA ARG B 208 -6.08 -3.54 -6.13
C ARG B 208 -6.31 -4.47 -4.95
N SER B 209 -7.06 -5.53 -5.18
CA SER B 209 -7.51 -6.36 -4.08
C SER B 209 -7.51 -7.87 -4.39
N HIS B 210 -6.32 -8.41 -4.64
CA HIS B 210 -6.08 -9.85 -4.74
C HIS B 210 -6.65 -10.51 -5.98
N GLY B 211 -7.31 -9.74 -6.83
CA GLY B 211 -7.98 -10.31 -7.98
C GLY B 211 -9.21 -11.11 -7.57
N MET B 212 -9.66 -10.92 -6.33
CA MET B 212 -10.79 -11.70 -5.80
C MET B 212 -12.14 -11.28 -6.36
N LEU B 213 -12.85 -12.25 -6.93
CA LEU B 213 -14.22 -12.06 -7.43
C LEU B 213 -15.14 -12.83 -6.49
N LYS B 214 -16.30 -12.29 -6.16
CA LYS B 214 -17.17 -12.99 -5.21
C LYS B 214 -18.08 -14.02 -5.90
N LYS B 215 -18.53 -15.02 -5.14
CA LYS B 215 -19.60 -15.93 -5.61
C LYS B 215 -20.82 -15.87 -4.68
N ASP B 216 -20.57 -16.09 -3.39
CA ASP B 216 -21.57 -16.06 -2.33
C ASP B 216 -20.77 -15.61 -1.13
N PHE B 217 -21.38 -15.53 0.05
CA PHE B 217 -20.59 -15.07 1.19
C PHE B 217 -19.43 -16.02 1.55
N PHE B 218 -19.36 -17.18 0.90
CA PHE B 218 -18.41 -18.23 1.32
C PHE B 218 -17.27 -18.56 0.35
N GLU B 219 -17.38 -18.14 -0.91
CA GLU B 219 -16.37 -18.52 -1.89
C GLU B 219 -16.04 -17.40 -2.87
N GLY B 220 -14.80 -17.42 -3.35
CA GLY B 220 -14.37 -16.44 -4.34
C GLY B 220 -13.78 -17.10 -5.58
N GLU B 221 -13.34 -16.28 -6.52
CA GLU B 221 -12.68 -16.77 -7.71
C GLU B 221 -11.52 -15.86 -8.09
N VAL B 222 -10.40 -16.45 -8.48
CA VAL B 222 -9.24 -15.65 -8.85
C VAL B 222 -8.74 -16.01 -10.25
N LYS B 223 -8.96 -15.11 -11.20
CA LYS B 223 -8.57 -15.36 -12.58
C LYS B 223 -7.25 -14.68 -12.96
N SER B 224 -6.70 -13.90 -12.02
CA SER B 224 -5.49 -13.12 -12.27
C SER B 224 -5.07 -12.46 -10.97
N ILE B 225 -3.76 -12.20 -10.84
CA ILE B 225 -3.21 -11.75 -9.55
C ILE B 225 -3.65 -10.34 -9.15
N GLY B 226 -3.51 -10.05 -7.87
CA GLY B 226 -3.83 -8.75 -7.31
C GLY B 226 -3.09 -8.59 -6.01
N HIS B 227 -3.06 -7.36 -5.50
CA HIS B 227 -2.33 -7.07 -4.29
C HIS B 227 -3.29 -6.61 -3.20
N ASN B 228 -2.75 -5.98 -2.18
CA ASN B 228 -3.59 -5.20 -1.28
C ASN B 228 -3.07 -3.78 -1.29
N PHE B 229 -3.69 -2.94 -2.13
CA PHE B 229 -3.35 -1.53 -2.20
C PHE B 229 -4.56 -0.69 -1.77
N ARG B 230 -5.48 -1.32 -1.05
CA ARG B 230 -6.73 -0.68 -0.62
C ARG B 230 -6.47 0.50 0.30
N LEU B 231 -7.33 1.52 0.20
CA LEU B 231 -7.36 2.63 1.16
C LEU B 231 -8.37 2.26 2.24
N ASN B 232 -7.99 2.35 3.51
CA ASN B 232 -8.89 1.93 4.58
C ASN B 232 -9.98 2.96 4.90
N GLU B 233 -10.91 2.63 5.79
CA GLU B 233 -12.04 3.52 6.05
C GLU B 233 -11.66 4.81 6.76
N ILE B 234 -10.64 4.73 7.62
CA ILE B 234 -10.18 5.89 8.35
C ILE B 234 -9.66 6.95 7.39
N GLN B 235 -8.84 6.51 6.43
CA GLN B 235 -8.23 7.44 5.48
C GLN B 235 -9.25 7.95 4.48
N SER B 236 -10.20 7.09 4.14
CA SER B 236 -11.26 7.47 3.22
C SER B 236 -12.10 8.57 3.82
N ALA B 237 -12.42 8.44 5.11
CA ALA B 237 -13.21 9.46 5.80
C ALA B 237 -12.48 10.80 5.76
N LEU B 238 -11.17 10.73 6.03
CA LEU B 238 -10.29 11.87 5.97
C LEU B 238 -10.30 12.47 4.57
N GLY B 239 -10.15 11.62 3.55
CA GLY B 239 -10.18 12.09 2.17
C GLY B 239 -11.48 12.79 1.80
N LEU B 240 -12.60 12.13 2.12
CA LEU B 240 -13.90 12.71 1.89
C LEU B 240 -13.98 14.10 2.49
N SER B 241 -13.66 14.20 3.78
CA SER B 241 -13.68 15.45 4.52
C SER B 241 -12.79 16.50 3.87
N GLN B 242 -11.56 16.10 3.55
CA GLN B 242 -10.64 17.01 2.90
C GLN B 242 -11.16 17.50 1.56
N LEU B 243 -11.66 16.57 0.75
CA LEU B 243 -12.16 16.91 -0.59
C LEU B 243 -13.27 17.94 -0.57
N LYS B 244 -14.11 17.90 0.45
CA LYS B 244 -15.21 18.86 0.56
C LYS B 244 -14.72 20.29 0.57
N LYS B 245 -13.56 20.53 1.18
CA LYS B 245 -13.00 21.87 1.21
C LYS B 245 -11.81 22.03 0.24
N ALA B 246 -11.76 21.19 -0.79
CA ALA B 246 -10.64 21.21 -1.70
C ALA B 246 -10.47 22.55 -2.40
N PRO B 247 -11.56 23.11 -2.93
CA PRO B 247 -11.42 24.39 -3.61
C PRO B 247 -10.99 25.49 -2.64
N PHE B 248 -11.43 25.37 -1.39
CA PHE B 248 -11.06 26.34 -0.36
C PHE B 248 -9.57 26.30 -0.12
N LEU B 249 -9.06 25.09 0.06
CA LEU B 249 -7.65 24.89 0.30
C LEU B 249 -6.81 25.39 -0.88
N MET B 250 -7.28 25.12 -2.10
CA MET B 250 -6.61 25.58 -3.31
C MET B 250 -6.55 27.11 -3.37
N GLN B 251 -7.63 27.76 -2.97
CA GLN B 251 -7.67 29.21 -3.00
C GLN B 251 -6.69 29.81 -1.99
N LYS B 252 -6.53 29.15 -0.83
CA LYS B 252 -5.58 29.61 0.18
C LYS B 252 -4.17 29.63 -0.40
N ARG B 253 -3.81 28.53 -1.05
CA ARG B 253 -2.56 28.48 -1.79
C ARG B 253 -2.51 29.56 -2.88
N GLU B 254 -3.61 29.76 -3.60
CA GLU B 254 -3.64 30.77 -4.64
C GLU B 254 -3.28 32.13 -4.06
N GLU B 255 -3.88 32.46 -2.92
CA GLU B 255 -3.62 33.74 -2.27
C GLU B 255 -2.17 33.86 -1.86
N ALA B 256 -1.63 32.79 -1.27
CA ALA B 256 -0.22 32.80 -0.89
C ALA B 256 0.65 33.10 -2.11
N ALA B 257 0.31 32.46 -3.23
CA ALA B 257 1.05 32.64 -4.47
C ALA B 257 0.95 34.10 -4.94
N LEU B 258 -0.24 34.67 -4.89
CA LEU B 258 -0.43 36.05 -5.32
C LEU B 258 0.42 37.03 -4.50
N THR B 259 0.57 36.72 -3.22
CA THR B 259 1.39 37.56 -2.34
C THR B 259 2.87 37.46 -2.74
N TYR B 260 3.32 36.24 -2.98
CA TYR B 260 4.65 36.04 -3.49
C TYR B 260 4.84 36.84 -4.79
N ASP B 261 3.89 36.71 -5.70
CA ASP B 261 3.91 37.41 -6.97
C ASP B 261 4.08 38.92 -6.82
N ARG B 262 3.32 39.54 -5.91
CA ARG B 262 3.40 41.00 -5.73
C ARG B 262 4.82 41.36 -5.40
N ILE B 263 5.36 40.68 -4.41
CA ILE B 263 6.65 41.04 -3.86
C ILE B 263 7.82 40.70 -4.78
N PHE B 264 7.70 39.61 -5.54
CA PHE B 264 8.80 39.16 -6.40
C PHE B 264 8.82 39.86 -7.74
N LYS B 265 7.68 40.44 -8.11
CA LYS B 265 7.49 41.10 -9.41
C LYS B 265 8.67 41.96 -9.84
N ASP B 266 9.26 41.59 -10.97
CA ASP B 266 10.36 42.36 -11.59
C ASP B 266 11.67 42.25 -10.84
N ASN B 267 11.76 41.37 -9.85
CA ASN B 267 13.02 41.19 -9.13
C ASN B 267 14.12 40.77 -10.10
N PRO B 268 15.37 41.19 -9.84
CA PRO B 268 16.44 40.86 -10.76
C PRO B 268 17.08 39.49 -10.59
N TYR B 269 16.66 38.71 -9.60
CA TYR B 269 17.34 37.44 -9.28
C TYR B 269 16.74 36.17 -9.91
N PHE B 270 15.41 36.07 -9.89
CA PHE B 270 14.73 34.84 -10.36
C PHE B 270 13.34 35.13 -10.92
N THR B 271 12.77 34.15 -11.61
CA THR B 271 11.45 34.30 -12.20
C THR B 271 10.48 33.25 -11.69
N PRO B 272 9.41 33.69 -11.00
CA PRO B 272 8.40 32.81 -10.46
C PRO B 272 7.45 32.38 -11.55
N LEU B 273 7.01 31.14 -11.53
CA LEU B 273 6.13 30.63 -12.58
C LEU B 273 4.66 31.03 -12.43
N HIS B 274 4.17 31.13 -11.20
CA HIS B 274 2.75 31.35 -10.97
C HIS B 274 2.13 32.47 -11.84
N PRO B 275 2.80 33.63 -11.97
CA PRO B 275 2.21 34.68 -12.83
C PRO B 275 1.90 34.23 -14.26
N LEU B 276 2.59 33.19 -14.72
CA LEU B 276 2.50 32.78 -16.11
C LEU B 276 1.38 31.82 -16.41
N LEU B 277 0.63 31.44 -15.37
CA LEU B 277 -0.50 30.52 -15.52
C LEU B 277 -1.62 31.02 -16.43
N LYS B 278 -2.26 30.09 -17.13
CA LYS B 278 -3.37 30.42 -18.00
C LYS B 278 -4.66 29.80 -17.49
N ASP B 279 -4.52 28.77 -16.67
CA ASP B 279 -5.68 28.16 -16.06
C ASP B 279 -5.47 28.01 -14.56
N LYS B 280 -6.55 27.77 -13.83
CA LYS B 280 -6.45 27.57 -12.39
C LYS B 280 -5.51 26.41 -12.06
N SER B 281 -4.63 26.60 -11.08
CA SER B 281 -3.74 25.51 -10.66
C SER B 281 -3.98 25.12 -9.21
N SER B 282 -3.73 23.87 -8.89
CA SER B 282 -3.86 23.41 -7.51
C SER B 282 -2.84 24.13 -6.65
N ASN B 283 -1.81 24.66 -7.29
CA ASN B 283 -0.73 25.35 -6.59
C ASN B 283 -0.10 24.45 -5.56
N HIS B 284 0.17 23.21 -5.96
CA HIS B 284 0.85 22.27 -5.08
C HIS B 284 2.26 22.75 -4.74
N LEU B 285 2.86 23.54 -5.63
CA LEU B 285 4.21 24.02 -5.43
C LEU B 285 4.24 25.47 -5.83
N TYR B 286 5.10 26.26 -5.20
CA TYR B 286 5.36 27.60 -5.72
C TYR B 286 6.80 27.70 -6.17
N PRO B 287 7.08 27.29 -7.42
CA PRO B 287 8.46 27.24 -7.90
C PRO B 287 8.95 28.58 -8.42
N ILE B 288 10.23 28.88 -8.17
CA ILE B 288 10.92 30.03 -8.74
C ILE B 288 12.14 29.53 -9.51
N LEU B 289 12.47 30.21 -10.60
CA LEU B 289 13.61 29.82 -11.42
C LEU B 289 14.73 30.85 -11.37
N MET B 290 15.87 30.43 -10.83
CA MET B 290 17.05 31.28 -10.73
C MET B 290 17.62 31.57 -12.11
N HIS B 291 18.28 32.71 -12.25
CA HIS B 291 18.98 33.03 -13.49
C HIS B 291 20.29 32.26 -13.55
N GLN B 292 20.81 32.03 -14.76
CA GLN B 292 21.97 31.15 -14.96
C GLN B 292 23.13 31.55 -14.06
N LYS B 293 23.24 32.84 -13.79
CA LYS B 293 24.35 33.35 -13.01
C LYS B 293 24.42 32.72 -11.61
N PHE B 294 23.30 32.32 -11.04
CA PHE B 294 23.31 31.80 -9.65
C PHE B 294 23.52 30.31 -9.55
N PHE B 295 23.38 29.62 -10.69
CA PHE B 295 23.47 28.16 -10.75
C PHE B 295 24.59 27.57 -9.91
N THR B 296 25.82 28.02 -10.18
CA THR B 296 27.03 27.38 -9.62
C THR B 296 27.16 27.52 -8.10
N CYS B 297 26.36 28.39 -7.50
CA CYS B 297 26.35 28.46 -6.05
C CYS B 297 24.93 28.21 -5.47
N LYS B 298 24.23 27.28 -6.10
CA LYS B 298 22.88 26.97 -5.66
C LYS B 298 22.88 26.44 -4.25
N LYS B 299 23.78 25.48 -4.00
CA LYS B 299 23.88 24.81 -2.71
C LYS B 299 23.93 25.81 -1.55
N LEU B 300 24.79 26.82 -1.68
CA LEU B 300 24.98 27.83 -0.64
C LEU B 300 23.74 28.67 -0.42
N ILE B 301 22.94 28.82 -1.47
CA ILE B 301 21.69 29.58 -1.41
C ILE B 301 20.64 28.80 -0.62
N LEU B 302 20.48 27.53 -0.96
CA LEU B 302 19.59 26.64 -0.23
C LEU B 302 19.93 26.62 1.27
N GLU B 303 21.22 26.48 1.57
CA GLU B 303 21.68 26.48 2.97
C GLU B 303 21.38 27.81 3.62
N SER B 304 21.61 28.90 2.89
CA SER B 304 21.34 30.23 3.43
C SER B 304 19.87 30.36 3.75
N LEU B 305 19.02 29.90 2.84
CA LEU B 305 17.58 29.95 3.04
C LEU B 305 17.20 29.14 4.28
N HIS B 306 17.73 27.91 4.36
CA HIS B 306 17.44 27.02 5.46
C HIS B 306 17.83 27.63 6.79
N LYS B 307 18.90 28.41 6.80
CA LYS B 307 19.33 29.10 8.02
C LYS B 307 18.32 30.14 8.44
N ARG B 308 17.51 30.61 7.49
CA ARG B 308 16.49 31.59 7.83
C ARG B 308 15.14 30.95 8.17
N GLY B 309 15.10 29.62 8.21
CA GLY B 309 13.87 28.92 8.54
C GLY B 309 13.01 28.58 7.34
N ILE B 310 13.50 28.92 6.15
CA ILE B 310 12.77 28.63 4.93
C ILE B 310 13.26 27.31 4.36
N LEU B 311 12.64 26.22 4.79
CA LEU B 311 13.07 24.89 4.37
C LEU B 311 12.65 24.62 2.94
N ALA B 312 13.36 25.25 2.00
CA ALA B 312 13.10 25.08 0.56
C ALA B 312 13.52 23.69 0.07
N GLN B 313 13.12 23.38 -1.15
CA GLN B 313 13.35 22.06 -1.71
C GLN B 313 13.45 22.22 -3.23
N VAL B 314 13.97 21.20 -3.91
CA VAL B 314 14.04 21.25 -5.37
C VAL B 314 13.21 20.15 -6.01
N HIS B 315 12.32 20.50 -6.92
CA HIS B 315 11.58 19.52 -7.70
C HIS B 315 11.81 19.83 -9.17
N TYR B 316 12.51 18.96 -9.89
CA TYR B 316 13.03 17.69 -9.40
C TYR B 316 14.41 17.39 -10.01
N LYS B 317 15.19 16.56 -9.37
CA LYS B 317 16.42 16.07 -9.99
C LYS B 317 16.02 15.25 -11.20
N PRO B 318 16.61 15.53 -12.37
CA PRO B 318 16.21 14.78 -13.56
C PRO B 318 16.35 13.29 -13.29
N ILE B 319 15.29 12.54 -13.53
CA ILE B 319 15.26 11.12 -13.15
C ILE B 319 16.41 10.31 -13.74
N TYR B 320 16.79 10.62 -14.98
CA TYR B 320 17.84 9.87 -15.66
C TYR B 320 19.20 10.08 -14.99
N GLN B 321 19.28 10.98 -14.02
CA GLN B 321 20.52 11.18 -13.29
C GLN B 321 20.72 10.18 -12.16
N TYR B 322 19.66 9.48 -11.75
CA TYR B 322 19.79 8.52 -10.68
C TYR B 322 20.66 7.34 -11.10
N GLN B 323 21.60 6.98 -10.24
CA GLN B 323 22.53 5.90 -10.52
C GLN B 323 21.85 4.70 -11.20
N LEU B 324 20.65 4.34 -10.77
CA LEU B 324 19.97 3.20 -11.37
C LEU B 324 19.67 3.40 -12.85
N TYR B 325 19.29 4.63 -13.21
CA TYR B 325 18.91 4.92 -14.60
C TYR B 325 20.12 5.05 -15.50
N GLN B 326 21.19 5.64 -14.95
CA GLN B 326 22.51 5.66 -15.61
C GLN B 326 22.96 4.25 -15.93
N GLN B 327 22.99 3.41 -14.90
CA GLN B 327 23.30 1.99 -14.99
C GLN B 327 22.56 1.28 -16.12
N LEU B 328 21.28 1.58 -16.30
CA LEU B 328 20.43 0.81 -17.18
C LEU B 328 20.42 1.31 -18.62
N PHE B 329 20.46 2.63 -18.79
CA PHE B 329 20.60 3.21 -20.13
C PHE B 329 21.42 4.50 -20.00
N ASN B 330 22.71 4.46 -20.31
CA ASN B 330 23.52 5.69 -20.18
C ASN B 330 22.80 6.82 -20.96
N THR B 331 21.88 7.51 -20.29
CA THR B 331 21.02 8.50 -20.96
C THR B 331 21.77 9.80 -21.14
N ALA B 332 21.76 10.31 -22.37
CA ALA B 332 22.37 11.59 -22.66
C ALA B 332 21.55 12.70 -21.98
N PRO B 333 22.23 13.53 -21.17
CA PRO B 333 21.61 14.69 -20.47
C PRO B 333 20.85 15.61 -21.42
N LEU B 334 19.69 16.11 -20.96
CA LEU B 334 18.85 16.99 -21.76
C LEU B 334 18.98 18.41 -21.25
N LYS B 335 19.38 19.32 -22.13
CA LYS B 335 19.67 20.70 -21.72
C LYS B 335 18.49 21.36 -21.02
N SER B 336 17.28 21.19 -21.55
CA SER B 336 16.11 21.79 -20.94
C SER B 336 15.93 21.31 -19.49
N ALA B 337 16.02 19.99 -19.29
CA ALA B 337 15.85 19.40 -17.95
C ALA B 337 16.97 19.82 -17.00
N GLU B 338 18.21 19.77 -17.48
CA GLU B 338 19.35 20.12 -16.65
C GLU B 338 19.25 21.58 -16.20
N ASP B 339 18.90 22.46 -17.15
CA ASP B 339 18.77 23.87 -16.84
C ASP B 339 17.71 24.10 -15.77
N PHE B 340 16.52 23.54 -15.99
CA PHE B 340 15.40 23.66 -15.06
C PHE B 340 15.79 23.18 -13.67
N TYR B 341 16.43 22.01 -13.61
CA TYR B 341 16.87 21.46 -12.34
C TYR B 341 17.73 22.47 -11.55
N HIS B 342 18.81 22.94 -12.16
CA HIS B 342 19.74 23.83 -11.46
C HIS B 342 19.03 25.11 -11.03
N ALA B 343 17.99 25.48 -11.77
CA ALA B 343 17.33 26.78 -11.58
C ALA B 343 16.23 26.76 -10.51
N GLU B 344 15.54 25.63 -10.40
CA GLU B 344 14.27 25.54 -9.68
C GLU B 344 14.43 25.48 -8.16
N ILE B 345 13.65 26.30 -7.47
CA ILE B 345 13.46 26.18 -6.03
C ILE B 345 11.96 26.25 -5.74
N SER B 346 11.46 25.32 -4.93
CA SER B 346 10.08 25.37 -4.46
C SER B 346 10.08 26.07 -3.11
N LEU B 347 9.29 27.11 -2.95
CA LEU B 347 9.21 27.83 -1.68
C LEU B 347 7.98 27.36 -0.89
N PRO B 348 7.95 27.64 0.42
CA PRO B 348 6.83 27.20 1.24
C PRO B 348 5.51 27.64 0.65
N CYS B 349 4.60 26.69 0.54
CA CYS B 349 3.31 26.94 -0.07
C CYS B 349 2.26 25.88 0.28
N HIS B 350 1.32 26.25 1.12
CA HIS B 350 0.28 25.33 1.55
C HIS B 350 -0.84 26.13 2.20
N ALA B 351 -2.01 25.52 2.33
CA ALA B 351 -3.22 26.23 2.78
C ALA B 351 -3.14 26.93 4.16
N ASN B 352 -2.18 26.57 4.99
CA ASN B 352 -2.06 27.16 6.31
C ASN B 352 -1.04 28.27 6.44
N LEU B 353 -0.55 28.76 5.31
CA LEU B 353 0.47 29.78 5.32
C LEU B 353 -0.21 31.11 5.27
N ASN B 354 -0.07 31.91 6.32
CA ASN B 354 -0.80 33.17 6.36
C ASN B 354 -0.07 34.37 5.74
N LEU B 355 -0.81 35.45 5.54
CA LEU B 355 -0.30 36.67 4.92
C LEU B 355 1.05 37.13 5.49
N GLU B 356 1.11 37.29 6.81
CA GLU B 356 2.34 37.66 7.47
C GLU B 356 3.49 36.72 7.08
N SER B 357 3.29 35.41 7.22
CA SER B 357 4.35 34.44 6.94
C SER B 357 4.86 34.59 5.50
N VAL B 358 3.94 34.66 4.55
CA VAL B 358 4.36 34.74 3.15
C VAL B 358 5.25 35.95 2.91
N GLN B 359 4.87 37.08 3.50
CA GLN B 359 5.62 38.31 3.32
C GLN B 359 7.02 38.20 3.91
N ASN B 360 7.12 37.60 5.09
CA ASN B 360 8.42 37.44 5.75
C ASN B 360 9.31 36.55 4.92
N ILE B 361 8.73 35.43 4.47
CA ILE B 361 9.42 34.50 3.59
C ILE B 361 9.85 35.21 2.31
N ALA B 362 8.91 35.89 1.66
CA ALA B 362 9.17 36.57 0.39
C ALA B 362 10.32 37.57 0.47
N HIS B 363 10.38 38.32 1.56
CA HIS B 363 11.45 39.28 1.77
C HIS B 363 12.76 38.60 2.13
N SER B 364 12.70 37.52 2.92
CA SER B 364 13.89 36.72 3.25
C SER B 364 14.54 36.10 2.01
N VAL B 365 13.72 35.64 1.07
CA VAL B 365 14.24 35.07 -0.16
C VAL B 365 15.04 36.13 -0.94
N LEU B 366 14.45 37.30 -1.08
CA LEU B 366 15.14 38.42 -1.73
C LEU B 366 16.45 38.79 -1.01
N LYS B 367 16.36 39.07 0.29
CA LYS B 367 17.54 39.37 1.08
C LYS B 367 18.63 38.33 0.80
N THR B 368 18.26 37.05 0.83
CA THR B 368 19.21 35.97 0.58
C THR B 368 19.93 36.06 -0.78
N PHE B 369 19.15 36.23 -1.86
CA PHE B 369 19.71 36.25 -3.21
C PHE B 369 20.66 37.42 -3.39
N GLU B 370 20.26 38.57 -2.88
CA GLU B 370 21.07 39.76 -3.04
C GLU B 370 22.40 39.66 -2.27
N SER B 371 22.40 38.94 -1.16
CA SER B 371 23.62 38.73 -0.40
C SER B 371 24.75 38.13 -1.24
N PHE B 372 24.41 37.25 -2.20
CA PHE B 372 25.40 36.67 -3.14
C PHE B 372 25.70 37.59 -4.35
N LYS B 373 26.37 38.72 -4.10
CA LYS B 373 26.61 39.71 -5.15
C LYS B 373 27.21 39.11 -6.44
N ILE B 374 26.59 39.44 -7.58
CA ILE B 374 26.92 38.83 -8.91
C ILE B 374 27.08 37.30 -8.85
N1 PLP C . -1.51 -14.19 4.60
C2 PLP C . -2.52 -14.77 5.34
C2A PLP C . -2.38 -16.17 5.82
C3 PLP C . -3.68 -14.05 5.62
O3 PLP C . -4.54 -14.52 6.58
C4 PLP C . -3.82 -12.73 5.18
C4A PLP C . -5.20 -12.10 5.20
C5 PLP C . -2.79 -12.15 4.43
C6 PLP C . -1.65 -12.89 4.15
C5A PLP C . -3.06 -10.86 3.67
O4P PLP C . -2.51 -9.74 4.36
P PLP C . -3.25 -8.32 4.34
O1P PLP C . -2.76 -7.54 3.14
O2P PLP C . -2.94 -7.53 5.59
O3P PLP C . -4.75 -8.58 4.28
N1 PLP D . 4.09 11.26 -8.85
C2 PLP D . 4.28 12.57 -8.46
C2A PLP D . 4.40 13.62 -9.52
C3 PLP D . 4.35 12.94 -7.12
O3 PLP D . 4.70 14.21 -6.76
C4 PLP D . 4.23 11.95 -6.15
C4A PLP D . 4.59 12.29 -4.73
C5 PLP D . 4.04 10.63 -6.54
C6 PLP D . 3.96 10.28 -7.89
C5A PLP D . 4.09 9.52 -5.51
O4P PLP D . 2.89 9.59 -4.81
P PLP D . 2.78 9.01 -3.33
O1P PLP D . 3.88 9.56 -2.42
O2P PLP D . 2.90 7.51 -3.45
O3P PLP D . 1.40 9.39 -2.83
#